data_8AHE
#
_entry.id   8AHE
#
_cell.length_a   109.119
_cell.length_b   109.119
_cell.length_c   136.207
_cell.angle_alpha   90.000
_cell.angle_beta   90.000
_cell.angle_gamma   90.000
#
_symmetry.space_group_name_H-M   'P 41 21 2'
#
loop_
_entity.id
_entity.type
_entity.pdbx_description
1 polymer 'UDP-N-acetylglucosamine 2-epimerase'
2 non-polymer ~{N},5-dimethyl-1-phenyl-pyrazole-4-sulfonamide
3 non-polymer 'SULFATE ION'
4 water water
#
_entity_poly.entity_id   1
_entity_poly.type   'polypeptide(L)'
_entity_poly.pdbx_seq_one_letter_code
;SPMAMTERLKVMTIFGTRPEAIKMAPLVLELQKHPEKIESIVTVTAQHRQMLDQVLSIFGITPDFDLNIMKDRQTLIDIT
TRGLEGLDKVMKEAKPDIVLVHGDTTTTFIASLAAFYNQIPVGHVEAGLRTWDKYSPYPEEMNRQLTGVMADLHFSPTAK
SATNLQKENKDESRIFITGNTAIDALKTTVKETYSHPVLEKLGNNRLVLMTAHRRENLGEPMRNMFRAIKRLVDKHEDVQ
VVYPVHMNPVVRETANDILGDYGRIHLIEPLDVIDFHNVAARSYLMLTDSGGVQEEAPSLGVPVLVLRDTTERPEGIEAG
TLKLAGTDEETIFSLADELLSDKEAHDKMSKASNPYGDGRASERIVEAILKHFNK
;
_entity_poly.pdbx_strand_id   A,B
#
# COMPACT_ATOMS: atom_id res chain seq x y z
N GLU A 7 -7.54 -48.46 -13.12
CA GLU A 7 -7.55 -47.18 -13.88
C GLU A 7 -7.42 -45.99 -12.91
N ARG A 8 -6.41 -45.16 -13.17
CA ARG A 8 -5.75 -44.31 -12.18
C ARG A 8 -6.54 -43.02 -11.97
N LEU A 9 -6.65 -42.59 -10.71
CA LEU A 9 -7.16 -41.26 -10.38
C LEU A 9 -6.25 -40.21 -11.03
N LYS A 10 -6.85 -39.35 -11.88
CA LYS A 10 -6.17 -38.30 -12.63
C LYS A 10 -6.21 -37.01 -11.79
N VAL A 11 -5.06 -36.61 -11.25
CA VAL A 11 -4.94 -35.52 -10.31
C VAL A 11 -4.12 -34.41 -10.95
N MET A 12 -4.77 -33.28 -11.24
CA MET A 12 -4.10 -32.13 -11.85
C MET A 12 -3.77 -31.13 -10.74
N THR A 13 -2.48 -30.86 -10.58
CA THR A 13 -1.95 -29.87 -9.67
C THR A 13 -1.63 -28.63 -10.49
N ILE A 14 -2.15 -27.46 -10.05
CA ILE A 14 -1.85 -26.19 -10.72
C ILE A 14 -0.82 -25.35 -9.94
N PHE A 15 0.19 -24.89 -10.70
CA PHE A 15 1.26 -23.99 -10.27
C PHE A 15 1.11 -22.66 -11.00
N GLY A 16 0.48 -21.68 -10.39
CA GLY A 16 0.07 -20.46 -11.09
C GLY A 16 1.09 -19.32 -10.94
N THR A 17 2.10 -19.51 -10.10
CA THR A 17 2.98 -18.41 -9.72
C THR A 17 4.24 -19.01 -9.11
N ARG A 18 5.32 -18.23 -9.02
CA ARG A 18 6.65 -18.77 -8.68
C ARG A 18 6.67 -19.18 -7.21
N PRO A 19 6.10 -18.38 -6.27
CA PRO A 19 6.07 -18.79 -4.86
C PRO A 19 5.29 -20.07 -4.62
N GLU A 20 4.26 -20.37 -5.44
CA GLU A 20 3.45 -21.58 -5.32
C GLU A 20 4.27 -22.81 -5.64
N ALA A 21 5.33 -22.65 -6.44
CA ALA A 21 6.28 -23.70 -6.80
C ALA A 21 6.73 -24.47 -5.57
N ILE A 22 7.24 -23.74 -4.58
CA ILE A 22 7.75 -24.34 -3.36
C ILE A 22 6.61 -25.00 -2.56
N LYS A 23 5.42 -24.43 -2.61
CA LYS A 23 4.30 -24.89 -1.77
C LYS A 23 3.58 -26.10 -2.38
N MET A 24 3.72 -26.31 -3.71
CA MET A 24 2.99 -27.35 -4.42
C MET A 24 3.92 -28.46 -4.92
N ALA A 25 5.21 -28.19 -5.15
CA ALA A 25 6.15 -29.22 -5.56
C ALA A 25 6.14 -30.43 -4.62
N PRO A 26 6.12 -30.27 -3.27
CA PRO A 26 6.15 -31.44 -2.38
C PRO A 26 4.91 -32.32 -2.48
N LEU A 27 3.75 -31.67 -2.73
CA LEU A 27 2.50 -32.37 -2.98
C LEU A 27 2.62 -33.25 -4.22
N VAL A 28 3.22 -32.72 -5.30
CA VAL A 28 3.41 -33.47 -6.52
C VAL A 28 4.31 -34.70 -6.26
N LEU A 29 5.45 -34.49 -5.58
CA LEU A 29 6.37 -35.57 -5.19
C LEU A 29 5.61 -36.68 -4.48
N GLU A 30 4.70 -36.27 -3.59
CA GLU A 30 3.87 -37.19 -2.82
C GLU A 30 2.89 -37.92 -3.76
N LEU A 31 2.31 -37.21 -4.73
CA LEU A 31 1.36 -37.82 -5.68
C LEU A 31 2.14 -38.84 -6.52
N GLN A 32 3.38 -38.53 -6.91
CA GLN A 32 4.19 -39.39 -7.77
C GLN A 32 4.69 -40.66 -7.05
N LYS A 33 4.56 -40.75 -5.71
CA LYS A 33 4.86 -41.96 -4.95
C LYS A 33 3.70 -42.97 -4.98
N HIS A 34 2.59 -42.68 -5.71
CA HIS A 34 1.46 -43.60 -5.84
C HIS A 34 1.14 -43.82 -7.32
N PRO A 35 2.11 -44.34 -8.13
CA PRO A 35 1.95 -44.43 -9.58
C PRO A 35 0.93 -45.47 -10.05
N GLU A 36 0.61 -46.45 -9.19
CA GLU A 36 -0.35 -47.53 -9.42
C GLU A 36 -1.77 -46.93 -9.37
N LYS A 37 -2.03 -46.06 -8.37
CA LYS A 37 -3.37 -45.53 -8.11
C LYS A 37 -3.60 -44.13 -8.71
N ILE A 38 -2.53 -43.35 -8.96
CA ILE A 38 -2.63 -41.93 -9.30
C ILE A 38 -1.80 -41.58 -10.54
N GLU A 39 -2.44 -40.84 -11.44
CA GLU A 39 -1.79 -40.21 -12.59
C GLU A 39 -1.65 -38.72 -12.27
N SER A 40 -0.45 -38.29 -11.81
CA SER A 40 -0.10 -36.91 -11.46
C SER A 40 0.08 -36.12 -12.75
N ILE A 41 -0.79 -35.12 -12.96
CA ILE A 41 -0.66 -34.17 -14.05
C ILE A 41 -0.37 -32.78 -13.49
N VAL A 42 0.70 -32.17 -13.99
CA VAL A 42 1.21 -30.87 -13.50
C VAL A 42 0.94 -29.83 -14.56
N THR A 43 0.16 -28.81 -14.20
CA THR A 43 -0.19 -27.72 -15.09
C THR A 43 0.43 -26.44 -14.51
N VAL A 44 1.31 -25.77 -15.30
CA VAL A 44 2.00 -24.54 -14.93
C VAL A 44 1.38 -23.40 -15.74
N THR A 45 0.98 -22.31 -15.07
CA THR A 45 0.31 -21.16 -15.68
C THR A 45 1.05 -19.84 -15.45
N ALA A 46 2.20 -19.86 -14.77
CA ALA A 46 2.93 -18.64 -14.44
C ALA A 46 3.53 -18.07 -15.71
N GLN A 47 3.73 -16.76 -15.72
CA GLN A 47 4.43 -16.05 -16.77
C GLN A 47 5.96 -16.17 -16.61
N HIS A 48 6.49 -16.01 -15.38
CA HIS A 48 7.92 -16.06 -15.10
C HIS A 48 8.30 -17.45 -14.57
N ARG A 49 9.09 -18.21 -15.36
CA ARG A 49 9.33 -19.62 -15.10
C ARG A 49 10.76 -19.92 -14.64
N GLN A 50 11.75 -19.03 -14.90
CA GLN A 50 13.15 -19.26 -14.58
C GLN A 50 13.30 -20.06 -13.27
N MET A 51 12.92 -19.45 -12.13
CA MET A 51 13.05 -20.06 -10.81
C MET A 51 12.03 -21.20 -10.64
N LEU A 52 10.79 -20.98 -11.10
CA LEU A 52 9.78 -22.02 -11.03
C LEU A 52 10.38 -23.31 -11.63
N ASP A 53 11.02 -23.18 -12.81
CA ASP A 53 11.73 -24.28 -13.44
C ASP A 53 12.91 -24.74 -12.59
N GLN A 54 13.61 -23.81 -11.92
CA GLN A 54 14.69 -24.16 -11.01
C GLN A 54 14.16 -25.12 -9.92
N VAL A 55 13.06 -24.71 -9.25
CA VAL A 55 12.46 -25.49 -8.18
C VAL A 55 11.89 -26.81 -8.70
N LEU A 56 11.29 -26.74 -9.89
CA LEU A 56 10.76 -27.93 -10.54
C LEU A 56 11.91 -28.93 -10.75
N SER A 57 13.06 -28.43 -11.25
CA SER A 57 14.20 -29.28 -11.53
C SER A 57 14.68 -29.98 -10.24
N ILE A 58 14.85 -29.23 -9.12
CA ILE A 58 15.33 -29.81 -7.87
C ILE A 58 14.40 -30.92 -7.39
N PHE A 59 13.08 -30.72 -7.60
CA PHE A 59 12.07 -31.66 -7.15
C PHE A 59 11.87 -32.86 -8.09
N GLY A 60 12.43 -32.77 -9.31
CA GLY A 60 12.31 -33.85 -10.29
C GLY A 60 10.89 -33.90 -10.88
N ILE A 61 10.39 -32.70 -11.20
CA ILE A 61 9.03 -32.53 -11.71
C ILE A 61 9.14 -31.91 -13.11
N THR A 62 8.44 -32.54 -14.04
CA THR A 62 8.28 -32.09 -15.40
C THR A 62 6.81 -31.74 -15.60
N PRO A 63 6.48 -30.46 -15.90
CA PRO A 63 5.09 -30.09 -16.21
C PRO A 63 4.61 -30.91 -17.40
N ASP A 64 3.33 -31.28 -17.37
CA ASP A 64 2.58 -31.83 -18.47
C ASP A 64 1.93 -30.70 -19.29
N PHE A 65 1.37 -29.66 -18.64
CA PHE A 65 0.76 -28.52 -19.34
C PHE A 65 1.39 -27.20 -18.89
N ASP A 66 1.59 -26.32 -19.87
CA ASP A 66 2.15 -25.00 -19.74
C ASP A 66 1.22 -24.03 -20.46
N LEU A 67 0.52 -23.18 -19.69
CA LEU A 67 -0.19 -22.03 -20.20
C LEU A 67 0.59 -20.78 -19.81
N ASN A 68 0.51 -19.75 -20.66
CA ASN A 68 1.14 -18.46 -20.36
C ASN A 68 0.01 -17.48 -20.08
N ILE A 69 -0.41 -17.39 -18.80
CA ILE A 69 -1.32 -16.35 -18.32
C ILE A 69 -0.48 -15.11 -17.96
N MET A 70 -0.46 -14.11 -18.85
CA MET A 70 0.31 -12.88 -18.65
C MET A 70 -0.31 -12.02 -17.53
N LYS A 71 0.57 -11.58 -16.61
CA LYS A 71 0.17 -10.82 -15.42
C LYS A 71 0.68 -9.38 -15.50
N ASP A 72 1.94 -9.20 -15.94
CA ASP A 72 2.66 -7.93 -15.87
C ASP A 72 1.94 -6.89 -16.72
N ARG A 73 1.44 -5.84 -16.02
CA ARG A 73 0.72 -4.72 -16.59
C ARG A 73 -0.64 -5.15 -17.14
N GLN A 74 -1.12 -6.34 -16.76
CA GLN A 74 -2.44 -6.83 -17.16
C GLN A 74 -3.44 -6.49 -16.04
N THR A 75 -4.69 -6.26 -16.45
CA THR A 75 -5.82 -5.95 -15.59
C THR A 75 -6.37 -7.25 -15.00
N LEU A 76 -7.01 -7.16 -13.81
CA LEU A 76 -7.81 -8.23 -13.21
C LEU A 76 -8.76 -8.85 -14.22
N ILE A 77 -9.50 -8.02 -14.99
CA ILE A 77 -10.47 -8.51 -15.97
C ILE A 77 -9.71 -9.38 -16.98
N ASP A 78 -8.57 -8.87 -17.53
CA ASP A 78 -7.93 -9.58 -18.63
C ASP A 78 -7.43 -10.93 -18.10
N ILE A 79 -6.75 -10.93 -16.95
CA ILE A 79 -6.21 -12.16 -16.35
C ILE A 79 -7.32 -13.14 -16.06
N THR A 80 -8.49 -12.62 -15.64
CA THR A 80 -9.68 -13.40 -15.27
C THR A 80 -10.31 -14.09 -16.48
N THR A 81 -10.54 -13.36 -17.59
CA THR A 81 -11.12 -13.93 -18.80
C THR A 81 -10.12 -14.86 -19.50
N ARG A 82 -8.86 -14.46 -19.67
CA ARG A 82 -7.96 -15.32 -20.43
C ARG A 82 -7.70 -16.59 -19.64
N GLY A 83 -7.45 -16.43 -18.33
CA GLY A 83 -7.20 -17.53 -17.43
C GLY A 83 -8.32 -18.55 -17.50
N LEU A 84 -9.56 -18.07 -17.41
CA LEU A 84 -10.71 -18.96 -17.35
C LEU A 84 -10.88 -19.75 -18.63
N GLU A 85 -10.68 -19.08 -19.78
CA GLU A 85 -10.66 -19.74 -21.09
C GLU A 85 -9.58 -20.82 -21.17
N GLY A 86 -8.35 -20.52 -20.78
CA GLY A 86 -7.20 -21.41 -20.95
C GLY A 86 -7.28 -22.57 -19.98
N LEU A 87 -7.71 -22.27 -18.73
CA LEU A 87 -7.92 -23.32 -17.74
C LEU A 87 -9.09 -24.26 -18.09
N ASP A 88 -10.20 -23.71 -18.61
CA ASP A 88 -11.28 -24.56 -19.11
C ASP A 88 -10.75 -25.48 -20.23
N LYS A 89 -10.05 -24.91 -21.20
CA LYS A 89 -9.58 -25.69 -22.34
C LYS A 89 -8.71 -26.86 -21.87
N VAL A 90 -7.73 -26.60 -20.99
CA VAL A 90 -6.84 -27.63 -20.46
C VAL A 90 -7.57 -28.74 -19.67
N MET A 91 -8.67 -28.39 -18.97
CA MET A 91 -9.45 -29.33 -18.18
C MET A 91 -10.35 -30.17 -19.09
N LYS A 92 -10.90 -29.63 -20.18
CA LYS A 92 -11.53 -30.48 -21.20
C LYS A 92 -10.47 -31.37 -21.89
N GLU A 93 -9.25 -30.87 -22.07
CA GLU A 93 -8.19 -31.63 -22.76
C GLU A 93 -7.69 -32.84 -21.98
N ALA A 94 -7.47 -32.67 -20.65
CA ALA A 94 -6.90 -33.66 -19.75
C ALA A 94 -7.95 -34.48 -19.02
N LYS A 95 -9.18 -33.92 -18.86
CA LYS A 95 -10.27 -34.48 -18.03
C LYS A 95 -9.75 -35.11 -16.72
N PRO A 96 -9.17 -34.31 -15.79
CA PRO A 96 -8.82 -34.77 -14.45
C PRO A 96 -10.01 -35.02 -13.52
N ASP A 97 -9.83 -35.93 -12.56
CA ASP A 97 -10.83 -36.36 -11.62
C ASP A 97 -10.87 -35.35 -10.48
N ILE A 98 -9.74 -34.64 -10.27
CA ILE A 98 -9.67 -33.55 -9.31
C ILE A 98 -8.57 -32.57 -9.74
N VAL A 99 -8.80 -31.29 -9.43
CA VAL A 99 -7.84 -30.20 -9.64
C VAL A 99 -7.40 -29.69 -8.27
N LEU A 100 -6.08 -29.57 -8.05
CA LEU A 100 -5.49 -29.01 -6.85
C LEU A 100 -5.01 -27.59 -7.11
N VAL A 101 -5.47 -26.66 -6.24
CA VAL A 101 -5.16 -25.25 -6.38
C VAL A 101 -4.67 -24.73 -5.02
N HIS A 102 -3.75 -23.75 -5.04
CA HIS A 102 -3.13 -23.20 -3.85
C HIS A 102 -3.60 -21.78 -3.57
N GLY A 103 -4.07 -21.51 -2.36
CA GLY A 103 -4.03 -20.16 -1.80
C GLY A 103 -5.06 -19.22 -2.39
N ASP A 104 -4.66 -17.96 -2.60
CA ASP A 104 -5.57 -16.85 -2.77
C ASP A 104 -5.24 -16.05 -4.03
N THR A 105 -4.58 -16.69 -5.01
CA THR A 105 -4.35 -16.01 -6.28
C THR A 105 -5.63 -15.90 -7.11
N THR A 106 -5.65 -14.94 -8.06
CA THR A 106 -6.73 -14.86 -9.02
C THR A 106 -6.80 -16.14 -9.84
N THR A 107 -5.64 -16.77 -10.13
CA THR A 107 -5.55 -18.01 -10.90
C THR A 107 -6.21 -19.20 -10.16
N THR A 108 -6.02 -19.29 -8.83
CA THR A 108 -6.69 -20.29 -8.02
C THR A 108 -8.20 -20.14 -8.16
N PHE A 109 -8.69 -18.90 -8.07
CA PHE A 109 -10.11 -18.62 -8.15
C PHE A 109 -10.65 -19.08 -9.51
N ILE A 110 -10.04 -18.66 -10.62
CA ILE A 110 -10.55 -18.98 -11.95
C ILE A 110 -10.32 -20.43 -12.29
N ALA A 111 -9.24 -21.04 -11.76
CA ALA A 111 -9.06 -22.48 -11.91
C ALA A 111 -10.21 -23.25 -11.23
N SER A 112 -10.65 -22.73 -10.08
CA SER A 112 -11.76 -23.33 -9.38
C SER A 112 -13.09 -23.17 -10.12
N LEU A 113 -13.32 -21.99 -10.70
CA LEU A 113 -14.49 -21.77 -11.53
C LEU A 113 -14.48 -22.67 -12.78
N ALA A 114 -13.35 -22.77 -13.48
CA ALA A 114 -13.24 -23.65 -14.65
C ALA A 114 -13.58 -25.11 -14.26
N ALA A 115 -13.02 -25.59 -13.15
CA ALA A 115 -13.34 -26.92 -12.64
C ALA A 115 -14.84 -27.08 -12.34
N PHE A 116 -15.43 -26.09 -11.64
CA PHE A 116 -16.87 -26.08 -11.36
C PHE A 116 -17.72 -26.12 -12.65
N TYR A 117 -17.31 -25.35 -13.66
CA TYR A 117 -17.98 -25.35 -14.96
C TYR A 117 -17.79 -26.66 -15.74
N ASN A 118 -16.98 -27.59 -15.24
CA ASN A 118 -16.82 -28.91 -15.83
C ASN A 118 -17.19 -30.00 -14.82
N GLN A 119 -17.79 -29.63 -13.68
CA GLN A 119 -18.12 -30.60 -12.64
C GLN A 119 -16.88 -31.39 -12.20
N ILE A 120 -15.73 -30.70 -12.05
CA ILE A 120 -14.51 -31.36 -11.56
C ILE A 120 -14.25 -30.89 -10.14
N PRO A 121 -14.16 -31.84 -9.19
CA PRO A 121 -13.80 -31.53 -7.83
C PRO A 121 -12.53 -30.71 -7.66
N VAL A 122 -12.55 -29.80 -6.67
CA VAL A 122 -11.42 -28.93 -6.35
C VAL A 122 -10.88 -29.24 -4.94
N GLY A 123 -9.58 -29.53 -4.85
CA GLY A 123 -8.86 -29.60 -3.58
C GLY A 123 -8.08 -28.31 -3.41
N HIS A 124 -8.40 -27.55 -2.33
CA HIS A 124 -7.85 -26.23 -2.06
C HIS A 124 -6.73 -26.34 -1.03
N VAL A 125 -5.50 -26.11 -1.46
CA VAL A 125 -4.35 -26.20 -0.57
C VAL A 125 -4.16 -24.82 0.07
N GLU A 126 -3.95 -24.78 1.37
CA GLU A 126 -3.83 -23.58 2.16
C GLU A 126 -5.17 -22.86 2.10
N ALA A 127 -6.10 -23.37 2.91
CA ALA A 127 -7.48 -22.93 2.88
C ALA A 127 -7.89 -22.42 4.25
N GLY A 128 -8.64 -21.31 4.26
CA GLY A 128 -9.39 -20.90 5.44
C GLY A 128 -8.94 -19.58 6.04
N LEU A 129 -7.89 -18.97 5.51
CA LEU A 129 -7.30 -17.72 6.00
C LEU A 129 -8.29 -16.59 5.74
N ARG A 130 -8.62 -15.81 6.79
CA ARG A 130 -9.61 -14.77 6.71
C ARG A 130 -9.13 -13.50 7.41
N THR A 131 -9.30 -12.36 6.71
CA THR A 131 -9.30 -11.01 7.29
C THR A 131 -10.71 -10.44 7.41
N TRP A 132 -11.67 -11.00 6.64
CA TRP A 132 -13.05 -10.52 6.50
C TRP A 132 -13.15 -9.05 5.96
N ASP A 133 -12.05 -8.55 5.41
CA ASP A 133 -11.96 -7.27 4.72
C ASP A 133 -11.69 -7.55 3.23
N LYS A 134 -12.70 -7.26 2.38
CA LYS A 134 -12.70 -7.71 1.00
C LYS A 134 -11.77 -6.84 0.17
N TYR A 135 -11.31 -5.70 0.76
CA TYR A 135 -10.38 -4.80 0.09
C TYR A 135 -9.02 -4.77 0.79
N SER A 136 -8.80 -5.67 1.78
CA SER A 136 -7.47 -5.82 2.38
C SER A 136 -7.30 -7.25 2.88
N PRO A 137 -6.49 -8.11 2.21
CA PRO A 137 -5.83 -7.77 0.92
C PRO A 137 -6.77 -7.92 -0.28
N TYR A 138 -6.56 -7.07 -1.32
CA TYR A 138 -7.32 -7.05 -2.56
C TYR A 138 -6.46 -7.49 -3.75
N PRO A 139 -6.85 -8.52 -4.53
CA PRO A 139 -8.12 -9.26 -4.39
C PRO A 139 -8.10 -10.60 -3.62
N GLU A 140 -7.09 -10.78 -2.74
CA GLU A 140 -6.71 -12.09 -2.19
C GLU A 140 -7.76 -12.59 -1.22
N GLU A 141 -8.27 -11.71 -0.35
CA GLU A 141 -9.29 -12.09 0.60
C GLU A 141 -10.50 -12.70 -0.13
N MET A 142 -11.06 -12.00 -1.12
CA MET A 142 -12.23 -12.48 -1.85
C MET A 142 -11.90 -13.73 -2.67
N ASN A 143 -10.71 -13.82 -3.29
CA ASN A 143 -10.31 -14.97 -4.07
C ASN A 143 -10.38 -16.21 -3.18
N ARG A 144 -9.96 -16.13 -1.92
CA ARG A 144 -9.91 -17.34 -1.11
C ARG A 144 -11.31 -17.67 -0.58
N GLN A 145 -12.15 -16.63 -0.39
CA GLN A 145 -13.56 -16.82 -0.08
C GLN A 145 -14.31 -17.46 -1.26
N LEU A 146 -14.08 -16.96 -2.49
CA LEU A 146 -14.64 -17.52 -3.73
C LEU A 146 -14.18 -18.95 -3.97
N THR A 147 -12.88 -19.16 -3.91
CA THR A 147 -12.33 -20.49 -4.01
C THR A 147 -12.97 -21.41 -2.96
N GLY A 148 -13.15 -20.89 -1.72
CA GLY A 148 -13.71 -21.67 -0.62
C GLY A 148 -15.12 -22.22 -0.89
N VAL A 149 -16.05 -21.45 -1.51
CA VAL A 149 -17.42 -21.94 -1.75
C VAL A 149 -17.41 -23.05 -2.81
N MET A 150 -16.41 -23.02 -3.71
CA MET A 150 -16.27 -23.95 -4.83
C MET A 150 -15.48 -25.20 -4.47
N ALA A 151 -14.76 -25.22 -3.36
CA ALA A 151 -13.89 -26.34 -3.06
C ALA A 151 -14.66 -27.50 -2.45
N ASP A 152 -14.20 -28.72 -2.77
CA ASP A 152 -14.77 -29.97 -2.29
C ASP A 152 -13.98 -30.46 -1.09
N LEU A 153 -12.62 -30.31 -1.15
CA LEU A 153 -11.70 -30.62 -0.05
C LEU A 153 -10.88 -29.40 0.30
N HIS A 154 -10.72 -29.14 1.63
CA HIS A 154 -10.01 -27.97 2.18
C HIS A 154 -8.85 -28.47 3.05
N PHE A 155 -7.62 -28.07 2.74
CA PHE A 155 -6.40 -28.42 3.46
C PHE A 155 -5.84 -27.17 4.14
N SER A 156 -6.31 -26.98 5.40
CA SER A 156 -5.97 -25.85 6.24
C SER A 156 -4.61 -26.05 6.93
N PRO A 157 -3.72 -25.04 6.97
CA PRO A 157 -2.45 -25.22 7.63
C PRO A 157 -2.63 -25.47 9.15
N THR A 158 -3.68 -24.88 9.75
CA THR A 158 -3.83 -24.76 11.19
C THR A 158 -5.30 -24.85 11.58
N ALA A 159 -5.50 -25.09 12.89
CA ALA A 159 -6.82 -25.19 13.50
C ALA A 159 -7.59 -23.90 13.24
N LYS A 160 -6.89 -22.78 13.32
CA LYS A 160 -7.50 -21.46 13.21
C LYS A 160 -8.21 -21.36 11.86
N SER A 161 -7.49 -21.70 10.76
CA SER A 161 -8.05 -21.63 9.42
C SER A 161 -9.13 -22.68 9.20
N ALA A 162 -8.97 -23.91 9.76
CA ALA A 162 -10.00 -24.96 9.71
C ALA A 162 -11.27 -24.50 10.38
N THR A 163 -11.14 -23.82 11.55
CA THR A 163 -12.28 -23.27 12.31
C THR A 163 -13.06 -22.20 11.53
N ASN A 164 -12.36 -21.29 10.80
CA ASN A 164 -12.95 -20.30 9.90
C ASN A 164 -13.88 -20.93 8.85
N LEU A 165 -13.48 -22.09 8.29
CA LEU A 165 -14.30 -22.83 7.33
C LEU A 165 -15.50 -23.51 8.01
N GLN A 166 -15.28 -24.09 9.21
CA GLN A 166 -16.36 -24.72 9.97
C GLN A 166 -17.43 -23.67 10.19
N LYS A 167 -17.05 -22.45 10.60
CA LYS A 167 -18.01 -21.41 10.96
C LYS A 167 -18.79 -20.90 9.73
N GLU A 168 -18.22 -21.13 8.53
CA GLU A 168 -18.84 -20.80 7.26
C GLU A 168 -19.74 -21.95 6.80
N ASN A 169 -19.92 -22.95 7.67
CA ASN A 169 -20.87 -24.04 7.45
C ASN A 169 -20.41 -24.97 6.33
N LYS A 170 -19.08 -25.08 6.16
CA LYS A 170 -18.51 -26.08 5.29
C LYS A 170 -18.63 -27.44 6.00
N ASP A 171 -18.73 -28.52 5.18
CA ASP A 171 -18.79 -29.92 5.56
C ASP A 171 -17.52 -30.22 6.36
N GLU A 172 -17.63 -30.39 7.67
CA GLU A 172 -16.52 -30.75 8.55
C GLU A 172 -15.76 -31.96 8.03
N SER A 173 -16.42 -32.88 7.29
CA SER A 173 -15.72 -34.07 6.78
C SER A 173 -14.76 -33.78 5.60
N ARG A 174 -14.90 -32.57 5.01
CA ARG A 174 -14.09 -32.08 3.89
C ARG A 174 -12.99 -31.09 4.36
N ILE A 175 -12.92 -30.81 5.67
CA ILE A 175 -11.97 -29.86 6.25
C ILE A 175 -10.88 -30.63 7.00
N PHE A 176 -9.62 -30.53 6.53
CA PHE A 176 -8.48 -31.26 7.05
C PHE A 176 -7.40 -30.26 7.50
N ILE A 177 -6.85 -30.43 8.72
CA ILE A 177 -5.71 -29.68 9.23
C ILE A 177 -4.45 -30.43 8.84
N THR A 178 -3.75 -29.96 7.80
CA THR A 178 -2.70 -30.77 7.19
C THR A 178 -1.31 -30.29 7.64
N GLY A 179 -1.25 -29.03 8.07
CA GLY A 179 0.00 -28.29 8.11
C GLY A 179 0.31 -27.67 6.74
N ASN A 180 1.38 -26.84 6.77
CA ASN A 180 1.95 -26.02 5.71
C ASN A 180 2.95 -26.82 4.85
N THR A 181 2.58 -27.04 3.59
CA THR A 181 3.35 -27.82 2.64
C THR A 181 4.74 -27.23 2.36
N ALA A 182 4.91 -25.90 2.55
CA ALA A 182 6.22 -25.27 2.47
C ALA A 182 7.22 -25.96 3.41
N ILE A 183 6.81 -26.34 4.63
CA ILE A 183 7.70 -27.04 5.56
C ILE A 183 8.19 -28.36 4.91
N ASP A 184 7.26 -29.05 4.24
CA ASP A 184 7.52 -30.28 3.49
C ASP A 184 8.70 -30.07 2.55
N ALA A 185 8.75 -28.91 1.90
CA ALA A 185 9.71 -28.59 0.84
C ALA A 185 11.15 -28.63 1.35
N LEU A 186 11.37 -28.30 2.64
CA LEU A 186 12.71 -28.12 3.21
C LEU A 186 13.52 -29.44 3.21
N LYS A 187 12.86 -30.59 3.32
CA LYS A 187 13.49 -31.90 3.24
C LYS A 187 14.25 -32.04 1.92
N THR A 188 13.86 -31.27 0.89
CA THR A 188 14.34 -31.39 -0.47
C THR A 188 15.29 -30.24 -0.81
N THR A 189 14.92 -29.00 -0.42
CA THR A 189 15.63 -27.81 -0.83
C THR A 189 16.93 -27.59 -0.01
N VAL A 190 16.98 -28.08 1.24
CA VAL A 190 18.11 -27.82 2.12
C VAL A 190 19.10 -28.97 1.95
N LYS A 191 20.31 -28.65 1.44
CA LYS A 191 21.38 -29.59 1.12
C LYS A 191 22.34 -29.66 2.31
N GLU A 192 22.88 -30.86 2.61
CA GLU A 192 23.84 -31.02 3.71
C GLU A 192 25.01 -30.04 3.46
N THR A 193 25.46 -29.90 2.20
CA THR A 193 26.51 -28.96 1.81
C THR A 193 26.00 -28.08 0.68
N TYR A 194 26.41 -26.79 0.76
CA TYR A 194 25.90 -25.66 0.02
C TYR A 194 26.94 -24.54 0.09
N SER A 195 27.11 -23.85 -1.05
CA SER A 195 28.00 -22.69 -1.14
C SER A 195 27.20 -21.50 -1.65
N HIS A 196 27.53 -20.33 -1.08
CA HIS A 196 26.91 -19.03 -1.37
C HIS A 196 27.81 -17.94 -0.81
N PRO A 197 28.01 -16.78 -1.49
CA PRO A 197 28.86 -15.72 -0.97
C PRO A 197 28.64 -15.40 0.52
N VAL A 198 27.38 -15.32 0.94
CA VAL A 198 27.01 -15.03 2.31
C VAL A 198 27.77 -15.95 3.28
N LEU A 199 27.78 -17.26 2.98
CA LEU A 199 28.30 -18.30 3.88
C LEU A 199 29.83 -18.36 3.85
N GLU A 200 30.42 -18.05 2.66
CA GLU A 200 31.85 -17.89 2.48
C GLU A 200 32.37 -16.77 3.41
N LYS A 201 31.70 -15.61 3.37
CA LYS A 201 31.99 -14.42 4.16
C LYS A 201 31.60 -14.57 5.63
N LEU A 202 30.65 -15.47 5.95
CA LEU A 202 30.23 -15.79 7.31
C LEU A 202 31.35 -16.55 8.05
N GLY A 203 31.97 -17.54 7.39
CA GLY A 203 32.87 -18.46 8.10
C GLY A 203 32.18 -19.03 9.34
N ASN A 204 32.87 -19.03 10.48
CA ASN A 204 32.34 -19.56 11.74
C ASN A 204 31.65 -18.49 12.62
N ASN A 205 31.37 -17.29 12.06
CA ASN A 205 30.54 -16.28 12.72
C ASN A 205 29.10 -16.78 12.79
N ARG A 206 28.33 -16.29 13.78
CA ARG A 206 26.90 -16.52 13.88
C ARG A 206 26.18 -15.49 13.00
N LEU A 207 25.27 -15.97 12.13
CA LEU A 207 24.50 -15.13 11.25
C LEU A 207 23.15 -14.81 11.90
N VAL A 208 22.85 -13.50 12.00
CA VAL A 208 21.51 -12.96 12.08
C VAL A 208 20.99 -12.57 10.70
N LEU A 209 19.87 -13.18 10.29
CA LEU A 209 19.29 -12.97 8.97
C LEU A 209 18.02 -12.14 9.16
N MET A 210 18.01 -10.95 8.57
CA MET A 210 16.87 -10.02 8.66
C MET A 210 16.10 -10.03 7.32
N THR A 211 14.77 -10.14 7.37
CA THR A 211 13.89 -9.82 6.24
C THR A 211 12.88 -8.77 6.73
N ALA A 212 12.63 -7.79 5.87
CA ALA A 212 11.69 -6.72 6.13
C ALA A 212 11.13 -6.24 4.77
N HIS A 213 9.79 -6.34 4.58
CA HIS A 213 9.08 -5.65 3.51
C HIS A 213 9.41 -4.14 3.60
N ARG A 214 9.64 -3.47 2.47
CA ARG A 214 10.11 -2.08 2.50
C ARG A 214 8.99 -1.08 2.72
N ARG A 215 7.78 -1.40 2.22
CA ARG A 215 6.66 -0.49 2.26
C ARG A 215 6.16 -0.33 3.69
N GLU A 216 5.94 -1.46 4.40
CA GLU A 216 5.30 -1.42 5.72
C GLU A 216 6.28 -1.03 6.84
N ASN A 217 7.60 -1.05 6.52
CA ASN A 217 8.68 -0.67 7.45
C ASN A 217 9.36 0.66 7.04
N LEU A 218 8.93 1.22 5.89
CA LEU A 218 9.26 2.57 5.46
C LEU A 218 9.18 3.56 6.64
N GLY A 219 10.21 4.45 6.79
CA GLY A 219 10.22 5.43 7.87
C GLY A 219 10.96 4.98 9.14
N GLU A 220 10.40 5.26 10.32
CA GLU A 220 11.01 5.05 11.64
C GLU A 220 11.31 3.55 11.86
N PRO A 221 10.40 2.60 11.58
CA PRO A 221 10.70 1.18 11.74
C PRO A 221 12.10 0.78 11.22
N MET A 222 12.39 0.91 9.91
CA MET A 222 13.65 0.46 9.35
C MET A 222 14.81 1.18 10.02
N ARG A 223 14.62 2.46 10.36
CA ARG A 223 15.67 3.25 10.99
C ARG A 223 15.97 2.67 12.36
N ASN A 224 14.91 2.22 13.05
CA ASN A 224 14.97 1.56 14.37
C ASN A 224 15.62 0.17 14.26
N MET A 225 15.30 -0.62 13.22
CA MET A 225 15.92 -1.91 13.00
C MET A 225 17.41 -1.73 12.72
N PHE A 226 17.77 -0.72 11.93
CA PHE A 226 19.16 -0.38 11.59
C PHE A 226 19.94 -0.02 12.85
N ARG A 227 19.38 0.83 13.71
CA ARG A 227 20.06 1.24 14.94
C ARG A 227 20.32 0.02 15.85
N ALA A 228 19.37 -0.93 15.83
CA ALA A 228 19.36 -2.11 16.68
C ALA A 228 20.39 -3.13 16.20
N ILE A 229 20.45 -3.39 14.88
CA ILE A 229 21.37 -4.37 14.33
C ILE A 229 22.79 -3.83 14.49
N LYS A 230 22.92 -2.50 14.44
CA LYS A 230 24.22 -1.87 14.64
C LYS A 230 24.70 -2.16 16.05
N ARG A 231 23.84 -1.99 17.06
CA ARG A 231 24.23 -2.26 18.44
C ARG A 231 24.51 -3.75 18.63
N LEU A 232 23.80 -4.65 17.90
CA LEU A 232 24.02 -6.09 18.05
C LEU A 232 25.45 -6.42 17.67
N VAL A 233 25.91 -5.93 16.49
CA VAL A 233 27.25 -6.24 16.01
C VAL A 233 28.28 -5.51 16.89
N ASP A 234 27.91 -4.41 17.53
CA ASP A 234 28.80 -3.70 18.44
C ASP A 234 29.01 -4.50 19.73
N LYS A 235 27.99 -5.23 20.21
CA LYS A 235 28.08 -6.00 21.44
C LYS A 235 28.58 -7.43 21.22
N HIS A 236 28.64 -7.89 19.94
CA HIS A 236 28.98 -9.28 19.61
C HIS A 236 29.95 -9.34 18.44
N GLU A 237 31.22 -9.55 18.76
CA GLU A 237 32.24 -9.52 17.72
C GLU A 237 32.09 -10.67 16.73
N ASP A 238 31.39 -11.77 17.07
CA ASP A 238 31.38 -12.95 16.22
C ASP A 238 30.10 -13.04 15.39
N VAL A 239 29.37 -11.93 15.25
CA VAL A 239 28.07 -11.87 14.60
C VAL A 239 28.17 -11.06 13.30
N GLN A 240 27.48 -11.56 12.26
CA GLN A 240 27.21 -10.85 11.02
C GLN A 240 25.70 -10.77 10.86
N VAL A 241 25.20 -9.63 10.38
CA VAL A 241 23.82 -9.41 10.03
C VAL A 241 23.72 -9.31 8.49
N VAL A 242 22.82 -10.06 7.89
CA VAL A 242 22.55 -10.06 6.46
C VAL A 242 21.07 -9.72 6.26
N TYR A 243 20.86 -8.59 5.54
CA TYR A 243 19.56 -8.07 5.16
C TYR A 243 19.45 -8.12 3.64
N PRO A 244 18.73 -9.11 3.05
CA PRO A 244 18.48 -9.12 1.60
C PRO A 244 17.43 -8.06 1.29
N VAL A 245 17.77 -7.06 0.46
CA VAL A 245 16.90 -5.93 0.14
C VAL A 245 17.25 -5.37 -1.24
N HIS A 246 16.21 -4.95 -2.01
CA HIS A 246 16.38 -4.35 -3.33
C HIS A 246 16.82 -2.92 -3.12
N MET A 247 18.10 -2.64 -3.42
CA MET A 247 18.73 -1.36 -3.09
C MET A 247 17.99 -0.22 -3.78
N ASN A 248 18.05 0.96 -3.14
CA ASN A 248 17.48 2.20 -3.67
C ASN A 248 18.16 3.32 -2.89
N PRO A 249 18.77 4.34 -3.54
CA PRO A 249 19.55 5.31 -2.79
C PRO A 249 18.88 5.79 -1.50
N VAL A 250 17.56 5.58 -1.36
CA VAL A 250 16.90 5.75 -0.05
C VAL A 250 17.58 4.85 1.01
N VAL A 251 17.58 3.53 0.75
CA VAL A 251 18.22 2.55 1.62
C VAL A 251 19.69 2.94 1.80
N ARG A 252 20.41 3.20 0.67
CA ARG A 252 21.85 3.44 0.73
C ARG A 252 22.14 4.52 1.78
N GLU A 253 21.43 5.67 1.69
CA GLU A 253 21.62 6.80 2.62
C GLU A 253 21.20 6.39 4.03
N THR A 254 19.99 5.81 4.17
CA THR A 254 19.52 5.29 5.46
C THR A 254 20.56 4.32 6.03
N ALA A 255 21.05 3.40 5.17
CA ALA A 255 22.00 2.38 5.59
C ALA A 255 23.30 3.03 6.01
N ASN A 256 24.00 3.70 5.09
CA ASN A 256 25.31 4.26 5.37
C ASN A 256 25.22 5.23 6.55
N ASP A 257 24.11 5.99 6.67
CA ASP A 257 23.92 6.91 7.78
C ASP A 257 23.98 6.18 9.13
N ILE A 258 23.32 5.01 9.27
CA ILE A 258 23.19 4.34 10.57
C ILE A 258 24.15 3.14 10.72
N LEU A 259 24.31 2.36 9.62
CA LEU A 259 24.99 1.06 9.67
C LEU A 259 26.51 1.23 9.58
N GLY A 260 26.95 2.20 8.76
CA GLY A 260 28.38 2.47 8.61
C GLY A 260 29.06 1.36 7.81
N ASP A 261 30.38 1.20 8.01
CA ASP A 261 31.22 0.43 7.12
C ASP A 261 32.26 -0.36 7.93
N TYR A 262 31.79 -1.10 8.96
CA TYR A 262 32.64 -1.75 9.94
C TYR A 262 32.81 -3.23 9.60
N GLY A 263 32.06 -3.66 8.58
CA GLY A 263 32.37 -4.86 7.85
C GLY A 263 31.59 -6.09 8.29
N ARG A 264 30.53 -5.96 9.13
CA ARG A 264 29.81 -7.15 9.60
C ARG A 264 28.29 -7.05 9.40
N ILE A 265 27.83 -6.01 8.70
CA ILE A 265 26.44 -5.86 8.23
C ILE A 265 26.39 -5.75 6.70
N HIS A 266 25.82 -6.77 6.04
CA HIS A 266 25.78 -6.89 4.59
C HIS A 266 24.33 -6.74 4.11
N LEU A 267 24.04 -5.66 3.38
CA LEU A 267 22.81 -5.51 2.60
C LEU A 267 23.07 -6.11 1.22
N ILE A 268 22.38 -7.21 0.90
CA ILE A 268 22.63 -7.99 -0.31
C ILE A 268 21.35 -7.95 -1.13
N GLU A 269 21.43 -8.38 -2.40
CA GLU A 269 20.29 -8.47 -3.30
C GLU A 269 19.39 -9.60 -2.78
N PRO A 270 18.05 -9.49 -2.95
CA PRO A 270 17.13 -10.56 -2.54
C PRO A 270 17.55 -11.96 -3.00
N LEU A 271 17.27 -12.96 -2.16
CA LEU A 271 17.68 -14.33 -2.46
C LEU A 271 16.53 -15.07 -3.12
N ASP A 272 16.87 -15.97 -4.04
CA ASP A 272 15.93 -16.94 -4.56
C ASP A 272 15.71 -17.97 -3.44
N VAL A 273 14.58 -18.68 -3.52
CA VAL A 273 14.00 -19.39 -2.40
C VAL A 273 14.97 -20.47 -1.96
N ILE A 274 15.67 -21.07 -2.91
CA ILE A 274 16.56 -22.18 -2.59
C ILE A 274 17.73 -21.63 -1.78
N ASP A 275 18.32 -20.51 -2.25
CA ASP A 275 19.42 -19.84 -1.56
C ASP A 275 18.94 -19.47 -0.16
N PHE A 276 17.73 -18.87 -0.09
CA PHE A 276 17.14 -18.42 1.17
C PHE A 276 17.07 -19.56 2.18
N HIS A 277 16.44 -20.66 1.78
CA HIS A 277 16.27 -21.81 2.65
C HIS A 277 17.63 -22.24 3.16
N ASN A 278 18.64 -22.28 2.27
CA ASN A 278 19.92 -22.89 2.60
C ASN A 278 20.73 -21.97 3.52
N VAL A 279 20.60 -20.64 3.33
CA VAL A 279 21.17 -19.61 4.22
C VAL A 279 20.41 -19.54 5.56
N ALA A 280 19.08 -19.53 5.57
CA ALA A 280 18.27 -19.56 6.79
C ALA A 280 18.60 -20.81 7.60
N ALA A 281 18.79 -21.95 6.94
CA ALA A 281 19.17 -23.22 7.59
C ALA A 281 20.54 -23.14 8.29
N ARG A 282 21.36 -22.14 7.96
CA ARG A 282 22.66 -21.91 8.59
C ARG A 282 22.68 -20.63 9.44
N SER A 283 21.48 -20.06 9.76
CA SER A 283 21.30 -18.82 10.52
C SER A 283 21.23 -19.13 12.01
N TYR A 284 21.75 -18.21 12.86
CA TYR A 284 21.64 -18.34 14.32
C TYR A 284 20.29 -17.77 14.79
N LEU A 285 19.81 -16.73 14.10
CA LEU A 285 18.62 -16.00 14.51
C LEU A 285 18.02 -15.29 13.29
N MET A 286 16.68 -15.21 13.24
CA MET A 286 15.95 -14.52 12.18
C MET A 286 15.22 -13.34 12.79
N LEU A 287 15.39 -12.14 12.18
CA LEU A 287 14.52 -11.00 12.37
C LEU A 287 13.67 -10.88 11.10
N THR A 288 12.34 -10.89 11.23
CA THR A 288 11.46 -10.96 10.05
C THR A 288 10.10 -10.30 10.34
N ASP A 289 9.48 -9.81 9.26
CA ASP A 289 8.07 -9.47 9.22
C ASP A 289 7.32 -10.33 8.21
N SER A 290 7.94 -11.44 7.74
CA SER A 290 7.36 -12.35 6.75
C SER A 290 6.53 -13.44 7.45
N GLY A 291 5.29 -13.64 7.00
CA GLY A 291 4.44 -14.69 7.54
C GLY A 291 5.03 -16.05 7.21
N GLY A 292 5.51 -16.21 5.96
CA GLY A 292 6.13 -17.47 5.55
C GLY A 292 7.36 -17.83 6.40
N VAL A 293 8.24 -16.85 6.68
CA VAL A 293 9.42 -17.11 7.48
C VAL A 293 9.00 -17.55 8.88
N GLN A 294 7.95 -16.92 9.44
CA GLN A 294 7.37 -17.30 10.72
C GLN A 294 6.89 -18.75 10.78
N GLU A 295 6.40 -19.27 9.67
CA GLU A 295 5.83 -20.62 9.62
C GLU A 295 6.87 -21.64 9.15
N GLU A 296 7.92 -21.23 8.41
CA GLU A 296 8.90 -22.15 7.82
C GLU A 296 10.22 -22.24 8.60
N ALA A 297 10.85 -21.07 8.88
CA ALA A 297 12.19 -21.02 9.47
C ALA A 297 12.30 -21.85 10.76
N PRO A 298 11.28 -21.91 11.64
CA PRO A 298 11.38 -22.71 12.86
C PRO A 298 11.61 -24.21 12.66
N SER A 299 11.18 -24.75 11.51
CA SER A 299 11.44 -26.15 11.17
C SER A 299 12.91 -26.39 10.84
N LEU A 300 13.70 -25.31 10.70
CA LEU A 300 15.14 -25.39 10.53
C LEU A 300 15.86 -25.18 11.87
N GLY A 301 15.11 -25.01 12.96
CA GLY A 301 15.67 -24.84 14.29
C GLY A 301 16.18 -23.43 14.57
N VAL A 302 15.70 -22.44 13.80
CA VAL A 302 16.11 -21.05 13.89
C VAL A 302 15.11 -20.26 14.72
N PRO A 303 15.49 -19.70 15.90
CA PRO A 303 14.61 -18.76 16.63
C PRO A 303 14.30 -17.60 15.69
N VAL A 304 13.07 -17.10 15.76
CA VAL A 304 12.51 -16.10 14.87
C VAL A 304 11.93 -14.97 15.70
N LEU A 305 12.45 -13.74 15.49
CA LEU A 305 11.90 -12.55 16.12
C LEU A 305 11.10 -11.82 15.06
N VAL A 306 9.86 -11.40 15.41
CA VAL A 306 8.88 -10.85 14.50
C VAL A 306 8.90 -9.32 14.69
N LEU A 307 9.24 -8.58 13.62
CA LEU A 307 9.34 -7.13 13.65
C LEU A 307 7.96 -6.51 13.42
N ARG A 308 7.07 -6.67 14.39
CA ARG A 308 5.67 -6.25 14.35
C ARG A 308 5.20 -6.15 15.79
N ASP A 309 4.31 -5.18 16.09
CA ASP A 309 3.83 -4.98 17.45
C ASP A 309 2.62 -5.87 17.67
N THR A 310 2.04 -6.35 16.54
CA THR A 310 0.82 -7.13 16.48
C THR A 310 1.06 -8.34 15.58
N THR A 311 0.41 -9.48 15.88
CA THR A 311 0.64 -10.71 15.11
C THR A 311 -0.68 -11.39 14.76
N GLU A 312 -0.66 -12.07 13.60
CA GLU A 312 -1.79 -12.85 13.14
C GLU A 312 -1.39 -14.33 13.18
N ARG A 313 -0.19 -14.60 13.75
CA ARG A 313 0.32 -15.95 13.94
C ARG A 313 0.54 -16.21 15.43
N PRO A 314 -0.56 -16.30 16.22
CA PRO A 314 -0.44 -16.48 17.68
C PRO A 314 0.02 -17.88 18.01
N GLU A 315 -0.20 -18.86 17.11
CA GLU A 315 0.17 -20.25 17.44
C GLU A 315 1.68 -20.42 17.62
N GLY A 316 2.48 -19.73 16.77
CA GLY A 316 3.94 -19.75 16.88
C GLY A 316 4.43 -19.07 18.17
N ILE A 317 3.76 -17.97 18.56
CA ILE A 317 4.04 -17.30 19.82
C ILE A 317 3.86 -18.30 20.96
N GLU A 318 2.70 -18.96 21.02
CA GLU A 318 2.37 -19.82 22.14
C GLU A 318 3.29 -21.06 22.18
N ALA A 319 3.65 -21.61 21.02
CA ALA A 319 4.54 -22.77 20.93
C ALA A 319 5.98 -22.42 21.35
N GLY A 320 6.37 -21.14 21.24
CA GLY A 320 7.71 -20.69 21.64
C GLY A 320 8.71 -20.67 20.46
N THR A 321 8.20 -20.78 19.21
CA THR A 321 9.04 -20.72 18.01
C THR A 321 9.25 -19.28 17.54
N LEU A 322 8.37 -18.38 18.02
CA LEU A 322 8.35 -16.95 17.67
C LEU A 322 8.26 -16.13 18.95
N LYS A 323 8.81 -14.89 18.89
CA LYS A 323 8.62 -13.83 19.87
C LYS A 323 8.42 -12.51 19.12
N LEU A 324 7.40 -11.74 19.56
CA LEU A 324 7.14 -10.38 19.11
C LEU A 324 8.24 -9.45 19.60
N ALA A 325 8.93 -8.82 18.63
CA ALA A 325 10.08 -7.92 18.88
C ALA A 325 9.63 -6.46 18.77
N GLY A 326 8.48 -6.22 18.15
CA GLY A 326 7.99 -4.89 17.88
C GLY A 326 8.73 -4.25 16.71
N THR A 327 8.52 -2.94 16.59
CA THR A 327 9.12 -2.08 15.58
C THR A 327 10.12 -1.10 16.25
N ASP A 328 10.14 -1.03 17.60
CA ASP A 328 10.98 -0.08 18.32
C ASP A 328 12.39 -0.66 18.56
N GLU A 329 13.41 0.20 18.38
CA GLU A 329 14.82 -0.14 18.56
C GLU A 329 15.06 -1.01 19.80
N GLU A 330 14.61 -0.55 20.96
CA GLU A 330 15.03 -1.11 22.23
C GLU A 330 14.57 -2.56 22.40
N THR A 331 13.31 -2.90 22.06
CA THR A 331 12.81 -4.28 22.16
C THR A 331 13.44 -5.19 21.10
N ILE A 332 13.70 -4.68 19.89
CA ILE A 332 14.38 -5.43 18.85
C ILE A 332 15.77 -5.82 19.33
N PHE A 333 16.53 -4.82 19.83
CA PHE A 333 17.86 -5.06 20.36
C PHE A 333 17.85 -6.06 21.50
N SER A 334 17.03 -5.75 22.52
CA SER A 334 16.95 -6.45 23.79
C SER A 334 16.67 -7.93 23.56
N LEU A 335 15.71 -8.28 22.68
CA LEU A 335 15.38 -9.68 22.42
C LEU A 335 16.44 -10.39 21.59
N ALA A 336 17.06 -9.71 20.62
CA ALA A 336 18.08 -10.35 19.79
C ALA A 336 19.35 -10.57 20.60
N ASP A 337 19.75 -9.53 21.36
CA ASP A 337 20.88 -9.52 22.27
C ASP A 337 20.82 -10.70 23.21
N GLU A 338 19.66 -10.89 23.83
CA GLU A 338 19.35 -12.03 24.70
C GLU A 338 19.67 -13.38 24.04
N LEU A 339 19.14 -13.60 22.84
CA LEU A 339 19.27 -14.87 22.15
C LEU A 339 20.72 -15.07 21.75
N LEU A 340 21.44 -13.97 21.49
CA LEU A 340 22.86 -14.05 21.15
C LEU A 340 23.76 -14.21 22.39
N SER A 341 23.25 -13.86 23.58
CA SER A 341 24.06 -13.82 24.80
C SER A 341 23.81 -15.03 25.73
N ASP A 342 22.75 -15.80 25.48
CA ASP A 342 22.33 -16.91 26.33
C ASP A 342 21.98 -18.15 25.49
N LYS A 343 22.89 -19.14 25.46
CA LYS A 343 22.72 -20.36 24.65
C LYS A 343 21.43 -21.10 25.00
N GLU A 344 21.07 -21.08 26.28
CA GLU A 344 19.88 -21.74 26.80
C GLU A 344 18.65 -21.14 26.15
N ALA A 345 18.55 -19.80 26.18
CA ALA A 345 17.43 -19.12 25.57
C ALA A 345 17.36 -19.43 24.07
N HIS A 346 18.52 -19.47 23.39
CA HIS A 346 18.52 -19.78 21.95
C HIS A 346 17.98 -21.20 21.69
N ASP A 347 18.52 -22.17 22.45
CA ASP A 347 18.29 -23.59 22.26
C ASP A 347 16.84 -23.91 22.61
N LYS A 348 16.28 -23.26 23.63
CA LYS A 348 14.87 -23.40 23.97
C LYS A 348 14.03 -23.08 22.72
N MET A 349 14.13 -21.85 22.16
CA MET A 349 13.34 -21.49 20.98
C MET A 349 13.61 -22.45 19.81
N SER A 350 14.87 -22.86 19.64
CA SER A 350 15.31 -23.70 18.54
C SER A 350 14.70 -25.10 18.58
N LYS A 351 14.49 -25.65 19.78
CA LYS A 351 14.00 -27.02 19.92
C LYS A 351 12.48 -27.01 20.09
N ALA A 352 11.86 -25.82 20.00
CA ALA A 352 10.41 -25.69 20.12
C ALA A 352 9.75 -26.26 18.86
N SER A 353 8.63 -26.97 19.04
CA SER A 353 7.92 -27.70 17.99
C SER A 353 7.14 -26.72 17.14
N ASN A 354 7.34 -26.79 15.78
CA ASN A 354 6.71 -25.83 14.87
C ASN A 354 5.24 -26.19 14.68
N PRO A 355 4.29 -25.34 15.16
CA PRO A 355 2.87 -25.68 15.09
C PRO A 355 2.26 -25.61 13.70
N TYR A 356 2.99 -25.03 12.74
CA TYR A 356 2.49 -24.85 11.38
C TYR A 356 2.72 -26.09 10.52
N GLY A 357 3.41 -27.13 11.06
CA GLY A 357 3.59 -28.38 10.33
C GLY A 357 4.86 -29.16 10.72
N ASP A 358 4.90 -30.45 10.34
CA ASP A 358 5.88 -31.43 10.78
C ASP A 358 6.52 -32.08 9.56
N GLY A 359 6.36 -31.44 8.38
CA GLY A 359 6.94 -31.92 7.14
C GLY A 359 6.08 -33.01 6.46
N ARG A 360 4.89 -33.36 7.03
CA ARG A 360 4.10 -34.45 6.45
C ARG A 360 2.73 -33.96 5.91
N ALA A 361 2.61 -32.67 5.55
CA ALA A 361 1.36 -32.08 5.08
C ALA A 361 0.89 -32.73 3.78
N SER A 362 1.84 -32.98 2.87
CA SER A 362 1.54 -33.59 1.58
C SER A 362 0.99 -34.99 1.75
N GLU A 363 1.58 -35.78 2.67
CA GLU A 363 1.10 -37.11 3.00
C GLU A 363 -0.38 -37.07 3.36
N ARG A 364 -0.75 -36.16 4.28
CA ARG A 364 -2.11 -36.01 4.79
C ARG A 364 -3.09 -35.57 3.68
N ILE A 365 -2.62 -34.71 2.77
CA ILE A 365 -3.41 -34.20 1.67
C ILE A 365 -3.72 -35.38 0.74
N VAL A 366 -2.71 -36.16 0.35
CA VAL A 366 -2.92 -37.25 -0.58
C VAL A 366 -3.77 -38.37 0.05
N GLU A 367 -3.57 -38.61 1.35
CA GLU A 367 -4.37 -39.62 2.05
C GLU A 367 -5.85 -39.19 1.99
N ALA A 368 -6.12 -37.89 2.17
CA ALA A 368 -7.49 -37.39 2.13
C ALA A 368 -8.10 -37.58 0.74
N ILE A 369 -7.33 -37.27 -0.32
CA ILE A 369 -7.82 -37.42 -1.69
C ILE A 369 -8.18 -38.87 -1.94
N LEU A 370 -7.24 -39.78 -1.62
CA LEU A 370 -7.45 -41.21 -1.83
C LEU A 370 -8.71 -41.69 -1.13
N LYS A 371 -8.88 -41.35 0.16
CA LYS A 371 -10.05 -41.77 0.92
C LYS A 371 -11.33 -41.18 0.33
N HIS A 372 -11.28 -39.91 -0.09
CA HIS A 372 -12.43 -39.24 -0.64
C HIS A 372 -12.91 -39.96 -1.89
N PHE A 373 -11.98 -40.54 -2.66
CA PHE A 373 -12.32 -41.21 -3.91
C PHE A 373 -12.40 -42.73 -3.72
N ASN A 374 -12.34 -43.19 -2.45
CA ASN A 374 -12.34 -44.60 -2.09
C ASN A 374 -11.40 -45.43 -3.00
N LYS A 375 -10.20 -44.89 -3.23
CA LYS A 375 -9.06 -45.54 -3.87
C LYS A 375 -8.09 -46.02 -2.78
N GLU B 7 7.98 44.11 -23.18
CA GLU B 7 6.65 43.47 -23.50
C GLU B 7 6.44 42.24 -22.59
N ARG B 8 5.34 42.25 -21.83
CA ARG B 8 5.09 41.31 -20.74
C ARG B 8 4.69 39.92 -21.24
N LEU B 9 5.13 38.89 -20.50
CA LEU B 9 4.77 37.48 -20.77
C LEU B 9 3.33 37.27 -20.31
N LYS B 10 2.47 36.80 -21.23
CA LYS B 10 1.05 36.66 -20.92
C LYS B 10 0.79 35.23 -20.45
N VAL B 11 0.43 35.08 -19.17
CA VAL B 11 0.29 33.76 -18.57
C VAL B 11 -1.20 33.63 -18.30
N MET B 12 -1.85 32.61 -18.92
CA MET B 12 -3.26 32.30 -18.64
C MET B 12 -3.34 31.07 -17.73
N THR B 13 -4.01 31.21 -16.56
CA THR B 13 -4.29 30.15 -15.61
C THR B 13 -5.75 29.71 -15.70
N ILE B 14 -6.00 28.40 -15.87
CA ILE B 14 -7.35 27.84 -15.94
C ILE B 14 -7.73 27.31 -14.57
N PHE B 15 -8.96 27.70 -14.14
CA PHE B 15 -9.71 27.14 -13.02
C PHE B 15 -10.89 26.36 -13.59
N GLY B 16 -10.78 25.02 -13.64
CA GLY B 16 -11.71 24.17 -14.37
C GLY B 16 -12.69 23.42 -13.44
N THR B 17 -12.35 23.26 -12.15
CA THR B 17 -13.16 22.56 -11.16
C THR B 17 -13.00 23.26 -9.83
N ARG B 18 -13.94 23.03 -8.89
CA ARG B 18 -13.99 23.72 -7.60
C ARG B 18 -12.73 23.44 -6.79
N PRO B 19 -12.26 22.18 -6.66
CA PRO B 19 -11.08 21.88 -5.86
C PRO B 19 -9.80 22.50 -6.39
N GLU B 20 -9.80 23.03 -7.62
CA GLU B 20 -8.64 23.74 -8.15
C GLU B 20 -8.52 25.16 -7.62
N ALA B 21 -9.57 25.73 -7.04
CA ALA B 21 -9.50 27.09 -6.53
C ALA B 21 -8.34 27.25 -5.55
N ILE B 22 -8.30 26.34 -4.56
CA ILE B 22 -7.29 26.37 -3.53
C ILE B 22 -5.91 26.05 -4.11
N LYS B 23 -5.86 25.21 -5.17
CA LYS B 23 -4.63 24.69 -5.72
C LYS B 23 -3.99 25.68 -6.70
N MET B 24 -4.82 26.47 -7.43
CA MET B 24 -4.34 27.36 -8.46
C MET B 24 -4.32 28.83 -8.03
N ALA B 25 -5.09 29.20 -7.02
CA ALA B 25 -5.12 30.58 -6.54
C ALA B 25 -3.77 31.04 -6.00
N PRO B 26 -3.03 30.21 -5.22
CA PRO B 26 -1.69 30.58 -4.78
C PRO B 26 -0.73 30.88 -5.94
N LEU B 27 -0.86 30.12 -7.03
CA LEU B 27 -0.03 30.29 -8.21
C LEU B 27 -0.36 31.62 -8.87
N VAL B 28 -1.65 31.97 -8.97
CA VAL B 28 -2.07 33.24 -9.56
C VAL B 28 -1.56 34.40 -8.71
N LEU B 29 -1.69 34.24 -7.39
CA LEU B 29 -1.17 35.26 -6.46
C LEU B 29 0.33 35.51 -6.70
N GLU B 30 1.10 34.44 -6.97
CA GLU B 30 2.54 34.53 -7.21
C GLU B 30 2.81 35.18 -8.57
N LEU B 31 2.00 34.86 -9.57
CA LEU B 31 2.10 35.53 -10.87
C LEU B 31 1.85 37.05 -10.73
N GLN B 32 0.91 37.43 -9.86
CA GLN B 32 0.51 38.81 -9.64
C GLN B 32 1.56 39.60 -8.86
N LYS B 33 2.63 38.95 -8.40
CA LYS B 33 3.75 39.62 -7.74
C LYS B 33 4.85 40.05 -8.71
N HIS B 34 4.65 39.81 -10.02
CA HIS B 34 5.57 40.17 -11.09
C HIS B 34 4.86 40.98 -12.19
N PRO B 35 4.12 42.05 -11.81
CA PRO B 35 3.38 42.89 -12.77
C PRO B 35 4.23 43.61 -13.83
N GLU B 36 5.55 43.60 -13.68
CA GLU B 36 6.49 44.24 -14.58
C GLU B 36 6.83 43.29 -15.73
N LYS B 37 6.86 41.97 -15.44
CA LYS B 37 7.31 40.95 -16.38
C LYS B 37 6.14 40.11 -16.90
N ILE B 38 5.02 40.05 -16.15
CA ILE B 38 3.95 39.09 -16.38
C ILE B 38 2.60 39.81 -16.30
N GLU B 39 1.80 39.55 -17.36
CA GLU B 39 0.38 39.83 -17.42
C GLU B 39 -0.33 38.50 -17.11
N SER B 40 -0.97 38.46 -15.92
CA SER B 40 -1.70 37.30 -15.42
C SER B 40 -3.15 37.39 -15.88
N ILE B 41 -3.58 36.34 -16.64
CA ILE B 41 -4.92 36.23 -17.21
C ILE B 41 -5.59 34.98 -16.65
N VAL B 42 -6.75 35.16 -15.99
CA VAL B 42 -7.44 34.09 -15.31
C VAL B 42 -8.71 33.75 -16.06
N THR B 43 -8.84 32.46 -16.42
CA THR B 43 -10.00 31.87 -17.05
C THR B 43 -10.65 30.85 -16.10
N VAL B 44 -11.94 31.04 -15.73
CA VAL B 44 -12.72 30.09 -14.95
C VAL B 44 -13.72 29.39 -15.85
N THR B 45 -13.73 28.05 -15.86
CA THR B 45 -14.68 27.25 -16.62
C THR B 45 -15.53 26.34 -15.69
N ALA B 46 -15.32 26.40 -14.37
CA ALA B 46 -15.95 25.45 -13.45
C ALA B 46 -17.48 25.64 -13.47
N GLN B 47 -18.23 24.54 -13.31
CA GLN B 47 -19.69 24.54 -13.32
C GLN B 47 -20.23 25.21 -12.04
N HIS B 48 -19.65 24.83 -10.89
CA HIS B 48 -20.07 25.28 -9.57
C HIS B 48 -19.12 26.40 -9.12
N ARG B 49 -19.75 27.54 -8.71
CA ARG B 49 -19.01 28.79 -8.54
C ARG B 49 -18.97 29.30 -7.10
N GLN B 50 -19.94 28.96 -6.21
CA GLN B 50 -19.99 29.68 -4.94
C GLN B 50 -18.66 29.58 -4.18
N MET B 51 -18.13 28.35 -3.97
CA MET B 51 -16.91 28.15 -3.18
C MET B 51 -15.68 28.72 -3.88
N LEU B 52 -15.55 28.43 -5.18
CA LEU B 52 -14.48 28.99 -5.98
C LEU B 52 -14.44 30.51 -5.87
N ASP B 53 -15.59 31.18 -6.02
CA ASP B 53 -15.63 32.64 -6.03
C ASP B 53 -15.21 33.16 -4.66
N GLN B 54 -15.62 32.42 -3.59
CA GLN B 54 -15.24 32.72 -2.21
C GLN B 54 -13.71 32.74 -2.12
N VAL B 55 -13.06 31.69 -2.67
CA VAL B 55 -11.61 31.52 -2.63
C VAL B 55 -10.89 32.56 -3.47
N LEU B 56 -11.34 32.78 -4.72
CA LEU B 56 -10.67 33.76 -5.58
C LEU B 56 -10.65 35.14 -4.89
N SER B 57 -11.75 35.51 -4.21
CA SER B 57 -11.88 36.79 -3.50
C SER B 57 -10.91 36.89 -2.31
N ILE B 58 -10.78 35.82 -1.51
CA ILE B 58 -9.80 35.79 -0.43
C ILE B 58 -8.40 36.09 -0.98
N PHE B 59 -8.08 35.55 -2.17
CA PHE B 59 -6.79 35.71 -2.81
C PHE B 59 -6.70 36.98 -3.68
N GLY B 60 -7.77 37.79 -3.72
CA GLY B 60 -7.86 39.04 -4.49
C GLY B 60 -7.63 38.81 -5.98
N ILE B 61 -8.29 37.76 -6.52
CA ILE B 61 -8.25 37.39 -7.93
C ILE B 61 -9.62 37.65 -8.57
N THR B 62 -9.58 38.38 -9.69
CA THR B 62 -10.71 38.70 -10.56
C THR B 62 -10.51 37.95 -11.87
N PRO B 63 -11.42 36.99 -12.23
CA PRO B 63 -11.35 36.29 -13.50
C PRO B 63 -11.47 37.27 -14.65
N ASP B 64 -10.68 37.06 -15.71
CA ASP B 64 -10.75 37.80 -16.96
C ASP B 64 -11.71 37.15 -17.96
N PHE B 65 -11.89 35.81 -17.91
CA PHE B 65 -12.86 35.06 -18.73
C PHE B 65 -13.63 34.03 -17.88
N ASP B 66 -14.98 34.05 -17.91
CA ASP B 66 -15.88 33.05 -17.33
C ASP B 66 -16.55 32.25 -18.45
N LEU B 67 -16.31 30.94 -18.55
CA LEU B 67 -17.07 30.01 -19.38
C LEU B 67 -17.95 29.12 -18.49
N ASN B 68 -19.19 28.86 -18.91
CA ASN B 68 -20.09 27.84 -18.34
C ASN B 68 -19.91 26.57 -19.18
N ILE B 69 -19.10 25.61 -18.69
CA ILE B 69 -18.97 24.28 -19.30
C ILE B 69 -19.72 23.27 -18.42
N MET B 70 -20.92 22.85 -18.86
CA MET B 70 -21.82 22.03 -18.06
C MET B 70 -21.30 20.60 -18.10
N LYS B 71 -21.35 19.93 -16.92
CA LYS B 71 -20.92 18.56 -16.70
C LYS B 71 -21.95 17.84 -15.81
N ASP B 72 -23.18 18.38 -15.71
CA ASP B 72 -24.33 17.76 -15.04
C ASP B 72 -25.05 16.89 -16.07
N ARG B 73 -24.89 15.55 -15.96
CA ARG B 73 -25.52 14.56 -16.82
C ARG B 73 -25.07 14.71 -18.30
N GLN B 74 -23.82 15.18 -18.51
CA GLN B 74 -23.26 15.49 -19.84
C GLN B 74 -22.25 14.40 -20.25
N THR B 75 -22.23 14.05 -21.55
CA THR B 75 -21.34 13.01 -22.06
C THR B 75 -19.91 13.56 -22.23
N LEU B 76 -18.88 12.70 -22.15
CA LEU B 76 -17.51 13.13 -22.38
C LEU B 76 -17.43 13.89 -23.71
N ILE B 77 -18.15 13.40 -24.73
CA ILE B 77 -18.06 13.89 -26.10
C ILE B 77 -18.48 15.35 -26.13
N ASP B 78 -19.61 15.66 -25.49
CA ASP B 78 -20.20 17.01 -25.48
C ASP B 78 -19.30 17.96 -24.71
N ILE B 79 -18.82 17.53 -23.55
CA ILE B 79 -17.90 18.32 -22.74
C ILE B 79 -16.64 18.62 -23.55
N THR B 80 -16.09 17.60 -24.26
CA THR B 80 -14.86 17.67 -25.01
C THR B 80 -14.98 18.68 -26.18
N THR B 81 -16.03 18.55 -26.99
CA THR B 81 -16.26 19.43 -28.12
C THR B 81 -16.61 20.87 -27.71
N ARG B 82 -17.52 21.02 -26.75
CA ARG B 82 -17.95 22.35 -26.31
C ARG B 82 -16.84 23.05 -25.50
N GLY B 83 -16.14 22.31 -24.63
CA GLY B 83 -14.99 22.86 -23.97
C GLY B 83 -13.86 23.25 -24.93
N LEU B 84 -13.54 22.41 -25.95
CA LEU B 84 -12.52 22.74 -26.93
C LEU B 84 -12.84 24.05 -27.70
N GLU B 85 -14.04 24.15 -28.26
CA GLU B 85 -14.56 25.38 -28.85
C GLU B 85 -14.39 26.59 -27.91
N GLY B 86 -15.00 26.52 -26.71
CA GLY B 86 -14.97 27.59 -25.71
C GLY B 86 -13.54 28.06 -25.41
N LEU B 87 -12.61 27.13 -25.13
CA LEU B 87 -11.27 27.51 -24.76
C LEU B 87 -10.51 28.00 -25.98
N ASP B 88 -10.82 27.49 -27.16
CA ASP B 88 -10.08 27.90 -28.33
C ASP B 88 -10.39 29.38 -28.55
N LYS B 89 -11.66 29.78 -28.48
CA LYS B 89 -12.08 31.17 -28.64
C LYS B 89 -11.33 32.07 -27.66
N VAL B 90 -11.30 31.67 -26.37
CA VAL B 90 -10.64 32.48 -25.33
C VAL B 90 -9.17 32.67 -25.67
N MET B 91 -8.52 31.64 -26.17
CA MET B 91 -7.11 31.74 -26.52
C MET B 91 -6.86 32.55 -27.79
N LYS B 92 -7.77 32.54 -28.77
CA LYS B 92 -7.64 33.37 -29.96
C LYS B 92 -7.77 34.85 -29.59
N GLU B 93 -8.56 35.18 -28.58
CA GLU B 93 -8.72 36.55 -28.16
C GLU B 93 -7.57 37.04 -27.28
N ALA B 94 -7.23 36.28 -26.21
CA ALA B 94 -6.34 36.70 -25.15
C ALA B 94 -4.90 36.44 -25.53
N LYS B 95 -4.66 35.53 -26.49
CA LYS B 95 -3.31 35.31 -27.03
C LYS B 95 -2.30 35.17 -25.88
N PRO B 96 -2.51 34.21 -24.96
CA PRO B 96 -1.49 33.95 -23.93
C PRO B 96 -0.21 33.38 -24.52
N ASP B 97 0.92 33.63 -23.88
CA ASP B 97 2.20 33.03 -24.23
C ASP B 97 2.31 31.63 -23.64
N ILE B 98 1.57 31.35 -22.54
CA ILE B 98 1.57 30.04 -21.93
C ILE B 98 0.25 29.83 -21.21
N VAL B 99 -0.28 28.60 -21.24
CA VAL B 99 -1.52 28.24 -20.54
C VAL B 99 -1.21 27.26 -19.44
N LEU B 100 -1.69 27.54 -18.21
CA LEU B 100 -1.33 26.68 -17.07
C LEU B 100 -2.58 25.92 -16.68
N VAL B 101 -2.41 24.59 -16.62
CA VAL B 101 -3.50 23.67 -16.40
C VAL B 101 -3.15 22.69 -15.27
N HIS B 102 -4.18 22.32 -14.48
CA HIS B 102 -4.00 21.49 -13.29
C HIS B 102 -4.56 20.07 -13.48
N GLY B 103 -3.75 19.08 -13.10
CA GLY B 103 -4.24 17.79 -12.65
C GLY B 103 -4.73 16.96 -13.83
N ASP B 104 -5.79 16.18 -13.58
CA ASP B 104 -6.17 15.06 -14.45
C ASP B 104 -7.56 15.18 -15.06
N THR B 105 -8.11 16.41 -15.20
CA THR B 105 -9.50 16.61 -15.60
C THR B 105 -9.66 16.59 -17.12
N THR B 106 -10.89 16.30 -17.62
CA THR B 106 -11.20 16.42 -19.06
C THR B 106 -10.92 17.84 -19.55
N THR B 107 -11.26 18.86 -18.75
CA THR B 107 -11.00 20.27 -19.09
C THR B 107 -9.49 20.56 -19.24
N THR B 108 -8.62 20.02 -18.39
CA THR B 108 -7.19 20.19 -18.53
C THR B 108 -6.74 19.61 -19.86
N PHE B 109 -7.24 18.43 -20.20
CA PHE B 109 -6.92 17.79 -21.48
C PHE B 109 -7.33 18.70 -22.64
N ILE B 110 -8.56 19.22 -22.66
CA ILE B 110 -9.00 20.01 -23.81
C ILE B 110 -8.44 21.42 -23.77
N ALA B 111 -8.12 21.97 -22.60
CA ALA B 111 -7.40 23.24 -22.45
C ALA B 111 -6.03 23.13 -23.10
N SER B 112 -5.36 22.00 -22.88
CA SER B 112 -4.08 21.72 -23.51
C SER B 112 -4.27 21.55 -25.01
N LEU B 113 -5.30 20.81 -25.45
CA LEU B 113 -5.47 20.59 -26.87
C LEU B 113 -5.76 21.93 -27.57
N ALA B 114 -6.56 22.80 -26.96
CA ALA B 114 -6.89 24.09 -27.55
C ALA B 114 -5.61 24.92 -27.68
N ALA B 115 -4.75 24.94 -26.61
CA ALA B 115 -3.44 25.62 -26.65
C ALA B 115 -2.61 25.10 -27.84
N PHE B 116 -2.53 23.77 -27.97
CA PHE B 116 -1.78 23.14 -29.02
C PHE B 116 -2.30 23.56 -30.40
N TYR B 117 -3.63 23.67 -30.50
CA TYR B 117 -4.33 24.04 -31.74
C TYR B 117 -4.13 25.52 -32.09
N ASN B 118 -3.55 26.29 -31.17
CA ASN B 118 -3.15 27.67 -31.37
C ASN B 118 -1.63 27.79 -31.19
N GLN B 119 -0.94 26.66 -31.07
CA GLN B 119 0.52 26.64 -30.99
C GLN B 119 0.92 27.52 -29.80
N ILE B 120 0.21 27.38 -28.66
CA ILE B 120 0.54 28.04 -27.40
C ILE B 120 1.07 27.00 -26.41
N PRO B 121 2.24 27.27 -25.76
CA PRO B 121 2.83 26.38 -24.76
C PRO B 121 1.90 26.11 -23.57
N VAL B 122 2.06 24.91 -22.97
CA VAL B 122 1.25 24.49 -21.81
C VAL B 122 2.19 24.12 -20.65
N GLY B 123 1.90 24.67 -19.48
CA GLY B 123 2.50 24.24 -18.23
C GLY B 123 1.48 23.46 -17.39
N HIS B 124 1.89 22.23 -17.02
CA HIS B 124 1.00 21.30 -16.35
C HIS B 124 1.27 21.31 -14.86
N VAL B 125 0.37 21.95 -14.08
CA VAL B 125 0.54 21.94 -12.64
C VAL B 125 0.02 20.61 -12.09
N GLU B 126 0.79 19.98 -11.19
CA GLU B 126 0.52 18.68 -10.61
C GLU B 126 0.60 17.58 -11.67
N ALA B 127 1.82 17.29 -12.13
CA ALA B 127 2.07 16.36 -13.22
C ALA B 127 2.89 15.15 -12.76
N GLY B 128 2.56 13.96 -13.30
CA GLY B 128 3.37 12.74 -13.18
C GLY B 128 2.71 11.57 -12.40
N LEU B 129 1.52 11.82 -11.77
CA LEU B 129 0.77 10.78 -11.08
C LEU B 129 0.44 9.67 -12.09
N ARG B 130 0.78 8.43 -11.78
CA ARG B 130 0.59 7.31 -12.68
C ARG B 130 0.03 6.10 -11.91
N THR B 131 -0.88 5.44 -12.60
CA THR B 131 -1.53 4.20 -12.21
C THR B 131 -1.08 3.15 -13.25
N TRP B 132 -0.82 3.60 -14.49
CA TRP B 132 -0.39 2.82 -15.64
C TRP B 132 -1.52 1.92 -16.12
N ASP B 133 -2.76 2.24 -15.70
CA ASP B 133 -3.99 1.50 -15.99
C ASP B 133 -4.92 2.50 -16.70
N LYS B 134 -5.07 2.38 -18.04
CA LYS B 134 -5.76 3.40 -18.84
C LYS B 134 -7.25 3.54 -18.46
N TYR B 135 -7.79 2.58 -17.69
CA TYR B 135 -9.20 2.56 -17.35
C TYR B 135 -9.43 2.70 -15.83
N SER B 136 -8.40 3.05 -15.07
CA SER B 136 -8.54 3.15 -13.62
C SER B 136 -7.49 4.06 -13.01
N PRO B 137 -7.84 5.34 -12.73
CA PRO B 137 -9.18 5.86 -12.97
C PRO B 137 -9.46 6.23 -14.43
N TYR B 138 -10.77 6.26 -14.76
CA TYR B 138 -11.33 6.52 -16.07
C TYR B 138 -12.26 7.73 -15.99
N PRO B 139 -12.02 8.82 -16.77
CA PRO B 139 -10.93 8.90 -17.74
C PRO B 139 -9.60 9.50 -17.25
N GLU B 140 -9.42 9.65 -15.92
CA GLU B 140 -8.41 10.57 -15.37
C GLU B 140 -6.98 10.17 -15.73
N GLU B 141 -6.68 8.86 -15.73
CA GLU B 141 -5.36 8.37 -16.05
C GLU B 141 -5.01 8.76 -17.48
N MET B 142 -5.93 8.54 -18.42
CA MET B 142 -5.69 8.86 -19.81
C MET B 142 -5.57 10.37 -20.01
N ASN B 143 -6.36 11.16 -19.27
CA ASN B 143 -6.30 12.62 -19.31
C ASN B 143 -4.90 13.08 -18.96
N ARG B 144 -4.32 12.53 -17.90
CA ARG B 144 -3.01 13.01 -17.47
C ARG B 144 -1.91 12.57 -18.43
N GLN B 145 -2.11 11.44 -19.14
CA GLN B 145 -1.19 11.02 -20.20
C GLN B 145 -1.26 11.90 -21.46
N LEU B 146 -2.50 12.17 -21.93
CA LEU B 146 -2.80 13.04 -23.05
C LEU B 146 -2.23 14.44 -22.81
N THR B 147 -2.52 15.01 -21.65
CA THR B 147 -2.00 16.30 -21.21
C THR B 147 -0.47 16.22 -21.13
N GLY B 148 0.07 15.10 -20.64
CA GLY B 148 1.50 14.87 -20.55
C GLY B 148 2.20 15.02 -21.89
N VAL B 149 1.68 14.46 -23.00
CA VAL B 149 2.39 14.55 -24.28
C VAL B 149 2.35 15.98 -24.83
N MET B 150 1.36 16.78 -24.45
CA MET B 150 1.16 18.13 -25.01
C MET B 150 1.92 19.18 -24.21
N ALA B 151 2.25 18.89 -22.94
CA ALA B 151 2.81 19.84 -22.00
C ALA B 151 4.23 20.25 -22.39
N ASP B 152 4.55 21.54 -22.23
CA ASP B 152 5.89 22.06 -22.46
C ASP B 152 6.68 22.04 -21.14
N LEU B 153 6.01 22.27 -20.01
CA LEU B 153 6.61 22.28 -18.70
C LEU B 153 5.78 21.37 -17.76
N HIS B 154 6.46 20.57 -16.92
CA HIS B 154 5.80 19.64 -16.01
C HIS B 154 6.17 20.03 -14.58
N PHE B 155 5.18 20.38 -13.77
CA PHE B 155 5.33 20.80 -12.38
C PHE B 155 4.87 19.65 -11.47
N SER B 156 5.85 18.81 -11.09
CA SER B 156 5.68 17.58 -10.34
C SER B 156 5.73 17.87 -8.86
N PRO B 157 4.72 17.44 -8.09
CA PRO B 157 4.73 17.68 -6.64
C PRO B 157 5.79 16.90 -5.86
N THR B 158 6.27 15.78 -6.42
CA THR B 158 7.16 14.84 -5.75
C THR B 158 8.10 14.20 -6.77
N ALA B 159 9.26 13.75 -6.26
CA ALA B 159 10.23 13.00 -7.05
C ALA B 159 9.57 11.82 -7.76
N LYS B 160 8.71 11.03 -7.09
CA LYS B 160 8.06 9.89 -7.74
C LYS B 160 7.30 10.31 -9.03
N SER B 161 6.52 11.38 -8.96
CA SER B 161 5.83 11.92 -10.13
C SER B 161 6.80 12.34 -11.24
N ALA B 162 7.94 12.96 -10.88
CA ALA B 162 8.97 13.36 -11.83
C ALA B 162 9.64 12.13 -12.47
N THR B 163 9.86 11.09 -11.67
CA THR B 163 10.43 9.83 -12.12
C THR B 163 9.51 9.19 -13.16
N ASN B 164 8.20 9.15 -12.86
CA ASN B 164 7.18 8.61 -13.76
C ASN B 164 7.30 9.28 -15.11
N LEU B 165 7.45 10.62 -15.12
CA LEU B 165 7.55 11.36 -16.36
C LEU B 165 8.87 11.06 -17.06
N GLN B 166 9.96 10.90 -16.31
CA GLN B 166 11.24 10.58 -16.92
C GLN B 166 11.14 9.22 -17.59
N LYS B 167 10.47 8.25 -16.95
CA LYS B 167 10.27 6.89 -17.45
C LYS B 167 9.54 6.91 -18.80
N GLU B 168 8.75 7.95 -19.07
CA GLU B 168 8.04 8.10 -20.35
C GLU B 168 8.89 8.86 -21.37
N ASN B 169 10.14 9.11 -20.99
CA ASN B 169 11.16 9.68 -21.88
C ASN B 169 10.86 11.15 -22.14
N LYS B 170 10.19 11.81 -21.19
CA LYS B 170 10.07 13.26 -21.19
C LYS B 170 11.44 13.89 -20.89
N ASP B 171 11.63 15.12 -21.44
CA ASP B 171 12.87 15.89 -21.38
C ASP B 171 13.01 16.39 -19.94
N GLU B 172 14.05 15.91 -19.25
CA GLU B 172 14.37 16.26 -17.86
C GLU B 172 14.42 17.76 -17.62
N SER B 173 14.87 18.55 -18.61
CA SER B 173 15.00 20.00 -18.40
C SER B 173 13.62 20.69 -18.28
N ARG B 174 12.55 19.95 -18.65
CA ARG B 174 11.18 20.44 -18.67
C ARG B 174 10.36 19.91 -17.49
N ILE B 175 11.03 19.19 -16.56
CA ILE B 175 10.41 18.57 -15.41
C ILE B 175 10.95 19.19 -14.13
N PHE B 176 10.05 19.77 -13.31
CA PHE B 176 10.42 20.47 -12.09
C PHE B 176 9.67 19.86 -10.91
N ILE B 177 10.41 19.48 -9.86
CA ILE B 177 9.82 19.09 -8.59
C ILE B 177 9.58 20.37 -7.79
N THR B 178 8.31 20.75 -7.69
CA THR B 178 7.91 22.04 -7.17
C THR B 178 7.37 21.90 -5.75
N GLY B 179 6.86 20.73 -5.40
CA GLY B 179 5.95 20.59 -4.27
C GLY B 179 4.51 20.82 -4.71
N ASN B 180 3.61 20.75 -3.73
CA ASN B 180 2.16 20.78 -3.93
C ASN B 180 1.68 22.20 -3.61
N THR B 181 1.10 22.85 -4.61
CA THR B 181 0.65 24.25 -4.55
C THR B 181 -0.42 24.42 -3.48
N ALA B 182 -1.22 23.40 -3.12
CA ALA B 182 -2.21 23.54 -2.07
C ALA B 182 -1.58 24.01 -0.74
N ILE B 183 -0.37 23.53 -0.46
CA ILE B 183 0.38 23.90 0.74
C ILE B 183 0.64 25.41 0.75
N ASP B 184 0.94 26.00 -0.42
CA ASP B 184 1.20 27.43 -0.57
C ASP B 184 0.00 28.27 -0.13
N ALA B 185 -1.23 27.72 -0.28
CA ALA B 185 -2.45 28.47 0.03
C ALA B 185 -2.49 28.89 1.48
N LEU B 186 -1.91 28.04 2.35
CA LEU B 186 -2.05 28.07 3.81
C LEU B 186 -1.60 29.40 4.40
N LYS B 187 -0.61 30.06 3.80
CA LYS B 187 -0.13 31.34 4.34
C LYS B 187 -1.17 32.44 4.09
N THR B 188 -2.06 32.23 3.11
CA THR B 188 -3.16 33.14 2.80
C THR B 188 -4.42 32.75 3.59
N THR B 189 -4.77 31.46 3.67
CA THR B 189 -6.09 31.09 4.17
C THR B 189 -6.13 31.10 5.69
N VAL B 190 -4.99 30.79 6.33
CA VAL B 190 -4.89 30.65 7.78
C VAL B 190 -4.57 32.01 8.40
N LYS B 191 -5.56 32.58 9.12
CA LYS B 191 -5.53 33.92 9.69
C LYS B 191 -5.47 33.79 11.22
N GLU B 192 -4.45 34.37 11.85
CA GLU B 192 -4.24 34.30 13.31
C GLU B 192 -5.49 34.74 14.08
N THR B 193 -6.17 35.77 13.56
CA THR B 193 -7.41 36.30 14.10
C THR B 193 -8.59 35.58 13.44
N TYR B 194 -8.91 34.38 13.94
CA TYR B 194 -9.94 33.54 13.33
C TYR B 194 -10.75 32.88 14.44
N SER B 195 -12.09 32.92 14.25
CA SER B 195 -13.03 32.46 15.24
C SER B 195 -13.90 31.35 14.64
N HIS B 196 -14.30 30.40 15.50
CA HIS B 196 -15.27 29.38 15.17
C HIS B 196 -15.95 28.91 16.45
N PRO B 197 -17.29 28.71 16.44
CA PRO B 197 -17.99 28.16 17.60
C PRO B 197 -17.20 27.01 18.24
N VAL B 198 -16.82 26.02 17.43
CA VAL B 198 -16.10 24.82 17.87
C VAL B 198 -14.82 25.21 18.62
N LEU B 199 -14.18 26.32 18.16
CA LEU B 199 -12.94 26.77 18.75
C LEU B 199 -13.20 27.46 20.09
N GLU B 200 -14.32 28.17 20.23
CA GLU B 200 -14.66 28.85 21.49
C GLU B 200 -14.87 27.80 22.59
N LYS B 201 -15.62 26.73 22.28
CA LYS B 201 -15.88 25.65 23.23
C LYS B 201 -14.57 25.01 23.70
N LEU B 202 -13.58 24.92 22.80
CA LEU B 202 -12.26 24.42 23.16
C LEU B 202 -11.51 25.55 23.88
N GLY B 203 -10.73 25.20 24.89
CA GLY B 203 -9.98 26.20 25.63
C GLY B 203 -8.54 26.29 25.14
N ASN B 204 -7.61 26.24 26.09
CA ASN B 204 -6.23 25.82 25.87
C ASN B 204 -6.18 24.28 25.83
N ASN B 205 -7.38 23.64 25.76
CA ASN B 205 -7.61 22.21 25.53
C ASN B 205 -6.98 21.77 24.19
N ARG B 206 -6.47 20.53 24.15
CA ARG B 206 -5.87 19.97 22.95
C ARG B 206 -6.95 19.38 22.02
N LEU B 207 -6.92 19.78 20.73
CA LEU B 207 -7.96 19.46 19.77
C LEU B 207 -7.52 18.27 18.90
N VAL B 208 -8.37 17.24 18.86
CA VAL B 208 -8.26 16.17 17.89
C VAL B 208 -9.30 16.41 16.81
N LEU B 209 -8.82 16.66 15.57
CA LEU B 209 -9.70 16.82 14.43
C LEU B 209 -9.71 15.52 13.65
N MET B 210 -10.91 14.96 13.45
CA MET B 210 -11.12 13.68 12.80
C MET B 210 -12.01 13.89 11.58
N THR B 211 -11.61 13.30 10.43
CA THR B 211 -12.42 13.26 9.22
C THR B 211 -12.40 11.85 8.66
N ALA B 212 -13.56 11.32 8.27
CA ALA B 212 -13.64 10.08 7.51
C ALA B 212 -14.82 10.18 6.53
N HIS B 213 -14.55 10.04 5.23
CA HIS B 213 -15.58 10.18 4.20
C HIS B 213 -15.45 9.06 3.18
N ARG B 214 -14.45 8.16 3.36
CA ARG B 214 -14.21 7.03 2.47
C ARG B 214 -15.35 6.00 2.60
N ARG B 215 -15.85 5.58 1.43
CA ARG B 215 -16.90 4.57 1.30
C ARG B 215 -16.54 3.33 2.12
N GLU B 216 -15.24 2.93 2.11
CA GLU B 216 -14.78 1.70 2.76
C GLU B 216 -14.74 1.80 4.29
N ASN B 217 -14.97 3.00 4.86
CA ASN B 217 -14.92 3.19 6.32
C ASN B 217 -16.34 3.27 6.92
N LEU B 218 -17.37 2.90 6.11
CA LEU B 218 -18.74 2.81 6.57
C LEU B 218 -18.91 1.53 7.42
N GLY B 219 -19.76 1.63 8.47
CA GLY B 219 -20.05 0.51 9.34
C GLY B 219 -18.99 0.34 10.43
N GLU B 220 -18.38 -0.85 10.48
CA GLU B 220 -17.59 -1.28 11.62
C GLU B 220 -16.47 -0.27 11.83
N PRO B 221 -15.75 0.14 10.77
CA PRO B 221 -14.63 1.07 10.94
C PRO B 221 -15.10 2.34 11.64
N MET B 222 -16.25 2.92 11.28
CA MET B 222 -16.77 4.09 12.01
C MET B 222 -17.01 3.79 13.50
N ARG B 223 -17.57 2.61 13.81
CA ARG B 223 -17.84 2.21 15.18
C ARG B 223 -16.53 2.07 15.95
N ASN B 224 -15.50 1.47 15.32
CA ASN B 224 -14.20 1.33 15.95
C ASN B 224 -13.61 2.69 16.28
N MET B 225 -13.67 3.63 15.32
CA MET B 225 -13.24 5.01 15.50
C MET B 225 -13.93 5.62 16.71
N PHE B 226 -15.27 5.58 16.73
CA PHE B 226 -16.03 6.20 17.82
C PHE B 226 -15.68 5.59 19.19
N ARG B 227 -15.48 4.27 19.26
CA ARG B 227 -15.12 3.59 20.50
C ARG B 227 -13.73 4.01 20.98
N ALA B 228 -12.80 4.19 20.02
CA ALA B 228 -11.43 4.63 20.31
C ALA B 228 -11.45 6.07 20.85
N ILE B 229 -12.27 6.94 20.24
CA ILE B 229 -12.41 8.35 20.63
C ILE B 229 -12.93 8.44 22.05
N LYS B 230 -13.90 7.57 22.38
CA LYS B 230 -14.49 7.50 23.71
C LYS B 230 -13.38 7.23 24.73
N ARG B 231 -12.57 6.21 24.49
CA ARG B 231 -11.49 5.82 25.39
C ARG B 231 -10.47 6.94 25.53
N LEU B 232 -10.20 7.68 24.43
CA LEU B 232 -9.25 8.79 24.42
C LEU B 232 -9.69 9.98 25.27
N VAL B 233 -10.95 10.42 25.15
CA VAL B 233 -11.43 11.57 25.93
C VAL B 233 -11.66 11.20 27.42
N ASP B 234 -11.85 9.90 27.70
CA ASP B 234 -11.93 9.42 29.08
C ASP B 234 -10.54 9.38 29.71
N LYS B 235 -9.50 9.03 28.94
CA LYS B 235 -8.15 8.95 29.50
C LYS B 235 -7.47 10.33 29.55
N HIS B 236 -7.74 11.18 28.54
CA HIS B 236 -7.15 12.51 28.44
C HIS B 236 -8.24 13.56 28.64
N GLU B 237 -8.30 14.11 29.87
CA GLU B 237 -9.35 15.02 30.34
C GLU B 237 -9.25 16.43 29.73
N ASP B 238 -8.08 16.80 29.16
CA ASP B 238 -7.86 18.12 28.57
C ASP B 238 -8.07 18.12 27.03
N VAL B 239 -8.60 17.01 26.48
CA VAL B 239 -8.78 16.80 25.04
C VAL B 239 -10.24 16.92 24.62
N GLN B 240 -10.53 17.76 23.59
CA GLN B 240 -11.81 17.76 22.89
C GLN B 240 -11.61 17.17 21.49
N VAL B 241 -12.66 16.58 20.90
CA VAL B 241 -12.60 15.98 19.57
C VAL B 241 -13.64 16.67 18.68
N VAL B 242 -13.24 16.97 17.43
CA VAL B 242 -14.15 17.54 16.44
C VAL B 242 -14.21 16.63 15.21
N TYR B 243 -15.45 16.25 14.89
CA TYR B 243 -15.78 15.35 13.80
C TYR B 243 -16.77 16.10 12.92
N PRO B 244 -16.30 16.81 11.87
CA PRO B 244 -17.18 17.49 10.93
C PRO B 244 -17.63 16.44 9.92
N VAL B 245 -18.80 15.80 10.19
CA VAL B 245 -19.52 15.04 9.17
C VAL B 245 -21.04 15.16 9.33
N HIS B 246 -21.76 14.95 8.22
CA HIS B 246 -23.21 14.90 8.14
C HIS B 246 -23.68 13.46 8.31
N MET B 247 -24.71 13.25 9.16
CA MET B 247 -25.11 11.92 9.62
C MET B 247 -26.59 11.62 9.33
N ASN B 248 -26.86 10.51 8.64
CA ASN B 248 -28.04 9.67 8.82
C ASN B 248 -28.45 9.64 10.30
N PRO B 249 -29.77 9.75 10.62
CA PRO B 249 -30.20 9.65 12.02
C PRO B 249 -29.71 8.41 12.76
N VAL B 250 -29.65 7.27 12.07
CA VAL B 250 -29.36 6.00 12.76
C VAL B 250 -27.87 5.94 13.10
N VAL B 251 -27.04 6.47 12.21
CA VAL B 251 -25.61 6.64 12.46
C VAL B 251 -25.38 7.68 13.57
N ARG B 252 -26.20 8.76 13.65
CA ARG B 252 -26.19 9.68 14.80
C ARG B 252 -26.45 8.90 16.11
N GLU B 253 -27.54 8.13 16.19
CA GLU B 253 -27.88 7.34 17.36
C GLU B 253 -26.70 6.45 17.77
N THR B 254 -25.98 5.85 16.80
CA THR B 254 -24.82 5.00 17.05
C THR B 254 -23.69 5.80 17.76
N ALA B 255 -23.45 7.01 17.25
CA ALA B 255 -22.44 7.90 17.80
C ALA B 255 -22.76 8.19 19.26
N ASN B 256 -24.01 8.64 19.48
CA ASN B 256 -24.48 9.10 20.77
C ASN B 256 -24.43 7.95 21.78
N ASP B 257 -24.86 6.75 21.36
CA ASP B 257 -24.81 5.55 22.19
C ASP B 257 -23.38 5.32 22.66
N ILE B 258 -22.38 5.39 21.76
CA ILE B 258 -20.98 5.10 22.11
C ILE B 258 -20.33 6.26 22.89
N LEU B 259 -20.62 7.51 22.49
CA LEU B 259 -19.88 8.65 23.01
C LEU B 259 -20.54 9.24 24.25
N GLY B 260 -21.89 9.16 24.28
CA GLY B 260 -22.66 9.87 25.29
C GLY B 260 -22.70 11.36 24.97
N ASP B 261 -23.27 12.18 25.86
CA ASP B 261 -23.37 13.62 25.65
C ASP B 261 -22.67 14.36 26.82
N TYR B 262 -21.33 14.25 26.87
CA TYR B 262 -20.52 14.87 27.93
C TYR B 262 -19.70 16.06 27.38
N GLY B 263 -20.08 16.55 26.17
CA GLY B 263 -19.76 17.90 25.71
C GLY B 263 -18.28 18.18 25.43
N ARG B 264 -17.44 17.13 25.36
CA ARG B 264 -16.04 17.24 24.95
C ARG B 264 -15.80 16.53 23.58
N ILE B 265 -16.88 16.08 22.93
CA ILE B 265 -16.86 15.57 21.56
C ILE B 265 -17.96 16.28 20.76
N HIS B 266 -17.55 17.04 19.71
CA HIS B 266 -18.42 17.88 18.92
C HIS B 266 -18.54 17.30 17.53
N LEU B 267 -19.66 16.61 17.29
CA LEU B 267 -20.10 16.26 15.95
C LEU B 267 -20.72 17.52 15.34
N ILE B 268 -20.15 18.03 14.22
CA ILE B 268 -20.65 19.27 13.60
C ILE B 268 -20.82 19.02 12.12
N GLU B 269 -21.45 19.97 11.41
CA GLU B 269 -21.64 19.88 9.96
C GLU B 269 -20.30 20.06 9.25
N PRO B 270 -20.13 19.47 8.05
CA PRO B 270 -18.88 19.59 7.29
C PRO B 270 -18.43 21.03 7.09
N LEU B 271 -17.12 21.27 7.24
CA LEU B 271 -16.52 22.59 7.14
C LEU B 271 -16.21 22.91 5.68
N ASP B 272 -16.33 24.20 5.31
CA ASP B 272 -15.76 24.73 4.07
C ASP B 272 -14.22 24.71 4.23
N VAL B 273 -13.50 24.69 3.11
CA VAL B 273 -12.03 24.60 3.07
C VAL B 273 -11.34 25.64 3.98
N ILE B 274 -11.89 26.86 4.05
CA ILE B 274 -11.27 27.96 4.79
C ILE B 274 -11.33 27.68 6.30
N ASP B 275 -12.52 27.36 6.79
CA ASP B 275 -12.73 27.06 8.21
C ASP B 275 -11.94 25.82 8.55
N PHE B 276 -11.89 24.84 7.64
CA PHE B 276 -11.15 23.61 7.85
C PHE B 276 -9.67 23.91 8.09
N HIS B 277 -9.11 24.85 7.28
CA HIS B 277 -7.69 25.18 7.29
C HIS B 277 -7.33 25.73 8.65
N ASN B 278 -8.22 26.60 9.11
CA ASN B 278 -8.02 27.41 10.29
C ASN B 278 -8.20 26.58 11.55
N VAL B 279 -9.15 25.63 11.49
CA VAL B 279 -9.41 24.68 12.57
C VAL B 279 -8.29 23.65 12.66
N ALA B 280 -7.93 23.04 11.51
CA ALA B 280 -6.80 22.13 11.42
C ALA B 280 -5.54 22.79 11.97
N ALA B 281 -5.34 24.10 11.72
CA ALA B 281 -4.12 24.80 12.13
C ALA B 281 -4.06 24.94 13.64
N ARG B 282 -5.20 24.85 14.33
CA ARG B 282 -5.24 24.96 15.79
C ARG B 282 -5.43 23.58 16.43
N SER B 283 -5.24 22.50 15.65
CA SER B 283 -5.38 21.13 16.12
C SER B 283 -4.03 20.63 16.67
N TYR B 284 -4.12 19.70 17.65
CA TYR B 284 -3.00 19.02 18.26
C TYR B 284 -2.73 17.70 17.56
N LEU B 285 -3.77 17.10 16.96
CA LEU B 285 -3.67 15.80 16.30
C LEU B 285 -4.77 15.68 15.27
N MET B 286 -4.50 14.90 14.18
CA MET B 286 -5.50 14.68 13.14
C MET B 286 -5.58 13.19 12.82
N LEU B 287 -6.82 12.76 12.66
CA LEU B 287 -7.18 11.40 12.26
C LEU B 287 -7.97 11.54 10.96
N THR B 288 -7.49 10.93 9.88
CA THR B 288 -8.12 11.17 8.59
C THR B 288 -8.10 9.93 7.70
N ASP B 289 -9.04 9.88 6.76
CA ASP B 289 -8.93 8.96 5.63
C ASP B 289 -8.81 9.74 4.29
N SER B 290 -8.49 11.05 4.36
CA SER B 290 -8.33 11.92 3.20
C SER B 290 -6.87 11.98 2.73
N GLY B 291 -6.63 11.66 1.44
CA GLY B 291 -5.36 11.84 0.74
C GLY B 291 -4.79 13.25 0.86
N GLY B 292 -5.62 14.26 0.58
CA GLY B 292 -5.19 15.64 0.61
C GLY B 292 -4.76 16.15 1.99
N VAL B 293 -5.45 15.76 3.05
CA VAL B 293 -5.08 16.16 4.40
C VAL B 293 -3.68 15.62 4.71
N GLN B 294 -3.37 14.42 4.20
CA GLN B 294 -2.09 13.78 4.38
C GLN B 294 -0.95 14.61 3.75
N GLU B 295 -1.27 15.33 2.67
CA GLU B 295 -0.31 16.15 1.94
C GLU B 295 -0.18 17.55 2.54
N GLU B 296 -1.21 18.02 3.25
CA GLU B 296 -1.37 19.44 3.58
C GLU B 296 -1.24 19.70 5.08
N ALA B 297 -1.92 18.87 5.89
CA ALA B 297 -2.07 19.24 7.30
C ALA B 297 -0.72 19.27 8.01
N PRO B 298 0.27 18.41 7.64
CA PRO B 298 1.58 18.45 8.29
C PRO B 298 2.35 19.78 8.18
N SER B 299 2.15 20.53 7.08
CA SER B 299 2.77 21.83 6.91
C SER B 299 2.27 22.79 7.98
N LEU B 300 1.13 22.48 8.65
CA LEU B 300 0.63 23.22 9.80
C LEU B 300 1.25 22.70 11.12
N GLY B 301 2.15 21.73 11.07
CA GLY B 301 2.76 21.25 12.30
C GLY B 301 1.78 20.39 13.10
N VAL B 302 0.96 19.58 12.38
CA VAL B 302 -0.07 18.73 12.99
C VAL B 302 0.27 17.27 12.61
N PRO B 303 0.51 16.38 13.59
CA PRO B 303 0.68 14.95 13.29
C PRO B 303 -0.63 14.40 12.72
N VAL B 304 -0.50 13.53 11.71
CA VAL B 304 -1.60 12.97 10.96
C VAL B 304 -1.56 11.44 11.14
N LEU B 305 -2.68 10.88 11.66
CA LEU B 305 -2.90 9.45 11.77
C LEU B 305 -3.99 9.09 10.77
N VAL B 306 -3.69 8.08 9.94
CA VAL B 306 -4.40 7.77 8.72
C VAL B 306 -5.22 6.51 9.00
N LEU B 307 -6.55 6.67 8.97
CA LEU B 307 -7.51 5.63 9.33
C LEU B 307 -7.66 4.70 8.14
N ARG B 308 -6.55 4.00 7.81
CA ARG B 308 -6.43 3.02 6.73
C ARG B 308 -5.29 2.05 7.08
N ASP B 309 -5.34 0.85 6.49
CA ASP B 309 -4.34 -0.21 6.60
C ASP B 309 -3.12 0.08 5.71
N THR B 310 -3.34 0.78 4.58
CA THR B 310 -2.32 1.09 3.60
C THR B 310 -2.42 2.57 3.25
N THR B 311 -1.29 3.13 2.78
CA THR B 311 -1.21 4.54 2.40
C THR B 311 -0.83 4.65 0.93
N GLU B 312 -1.42 5.64 0.25
CA GLU B 312 -0.97 6.01 -1.09
C GLU B 312 0.00 7.18 -0.98
N ARG B 313 0.34 7.56 0.27
CA ARG B 313 1.30 8.62 0.53
C ARG B 313 2.56 8.07 1.20
N PRO B 314 3.34 7.21 0.50
CA PRO B 314 4.53 6.59 1.09
C PRO B 314 5.57 7.60 1.55
N GLU B 315 5.67 8.78 0.92
CA GLU B 315 6.68 9.77 1.29
C GLU B 315 6.42 10.43 2.64
N GLY B 316 5.15 10.64 2.99
CA GLY B 316 4.77 11.12 4.32
C GLY B 316 5.13 10.12 5.44
N ILE B 317 4.98 8.82 5.16
CA ILE B 317 5.31 7.74 6.10
C ILE B 317 6.81 7.79 6.41
N GLU B 318 7.60 7.75 5.32
CA GLU B 318 9.05 7.85 5.33
C GLU B 318 9.55 9.07 6.10
N ALA B 319 8.93 10.24 5.88
CA ALA B 319 9.35 11.47 6.55
C ALA B 319 8.86 11.54 7.99
N GLY B 320 7.91 10.64 8.36
CA GLY B 320 7.30 10.62 9.71
C GLY B 320 6.33 11.78 9.99
N THR B 321 5.68 12.29 8.91
CA THR B 321 4.59 13.26 9.01
C THR B 321 3.25 12.55 9.20
N LEU B 322 3.20 11.29 8.74
CA LEU B 322 2.05 10.38 8.73
C LEU B 322 2.43 9.07 9.46
N LYS B 323 1.42 8.47 10.14
CA LYS B 323 1.45 7.09 10.61
C LYS B 323 0.12 6.39 10.28
N LEU B 324 0.17 5.13 9.82
CA LEU B 324 -1.03 4.32 9.62
C LEU B 324 -1.59 3.90 10.97
N ALA B 325 -2.92 4.04 11.15
CA ALA B 325 -3.65 3.69 12.36
C ALA B 325 -4.56 2.48 12.14
N GLY B 326 -4.71 2.00 10.88
CA GLY B 326 -5.71 1.00 10.52
C GLY B 326 -7.13 1.44 10.92
N THR B 327 -8.07 0.47 10.91
CA THR B 327 -9.47 0.69 11.21
C THR B 327 -9.91 -0.10 12.44
N ASP B 328 -8.98 -0.83 13.08
CA ASP B 328 -9.24 -1.61 14.29
C ASP B 328 -9.27 -0.63 15.48
N GLU B 329 -10.22 -0.82 16.38
CA GLU B 329 -10.38 0.04 17.54
C GLU B 329 -9.05 0.13 18.26
N GLU B 330 -8.35 -1.01 18.37
CA GLU B 330 -7.21 -1.16 19.27
C GLU B 330 -6.03 -0.31 18.74
N THR B 331 -5.79 -0.44 17.42
CA THR B 331 -4.70 0.26 16.72
C THR B 331 -4.92 1.77 16.75
N ILE B 332 -6.17 2.22 16.48
CA ILE B 332 -6.53 3.65 16.49
C ILE B 332 -6.36 4.21 17.90
N PHE B 333 -6.83 3.47 18.93
CA PHE B 333 -6.66 3.90 20.31
C PHE B 333 -5.18 3.94 20.66
N SER B 334 -4.44 2.92 20.28
CA SER B 334 -3.03 2.71 20.64
C SER B 334 -2.16 3.88 20.18
N LEU B 335 -2.24 4.22 18.89
CA LEU B 335 -1.41 5.24 18.26
C LEU B 335 -1.85 6.65 18.66
N ALA B 336 -3.16 6.93 18.69
CA ALA B 336 -3.62 8.24 19.14
C ALA B 336 -3.20 8.52 20.59
N ASP B 337 -3.30 7.47 21.44
CA ASP B 337 -3.00 7.57 22.86
C ASP B 337 -1.51 7.85 23.08
N GLU B 338 -0.61 7.14 22.33
CA GLU B 338 0.84 7.40 22.36
C GLU B 338 1.15 8.90 22.20
N LEU B 339 0.53 9.51 21.19
CA LEU B 339 0.82 10.87 20.77
C LEU B 339 0.20 11.89 21.70
N LEU B 340 -0.94 11.55 22.35
CA LEU B 340 -1.56 12.42 23.35
C LEU B 340 -0.94 12.28 24.76
N SER B 341 -0.19 11.20 24.98
CA SER B 341 0.46 10.88 26.26
C SER B 341 1.89 11.46 26.35
N ASP B 342 2.64 11.36 25.22
CA ASP B 342 4.05 11.65 25.10
C ASP B 342 4.29 12.91 24.24
N LYS B 343 4.30 14.08 24.91
CA LYS B 343 4.63 15.39 24.39
C LYS B 343 5.82 15.36 23.43
N GLU B 344 6.78 14.46 23.68
CA GLU B 344 7.99 14.33 22.88
C GLU B 344 7.66 13.73 21.51
N ALA B 345 6.86 12.66 21.48
CA ALA B 345 6.55 11.93 20.24
C ALA B 345 5.58 12.72 19.34
N HIS B 346 4.72 13.58 19.95
CA HIS B 346 3.84 14.52 19.25
C HIS B 346 4.66 15.62 18.59
N ASP B 347 5.47 16.32 19.40
CA ASP B 347 6.35 17.39 18.95
C ASP B 347 7.23 16.90 17.79
N LYS B 348 7.67 15.63 17.82
CA LYS B 348 8.56 15.06 16.80
C LYS B 348 7.86 15.05 15.44
N MET B 349 6.70 14.38 15.35
CA MET B 349 5.86 14.36 14.15
C MET B 349 5.43 15.79 13.78
N SER B 350 5.15 16.64 14.80
CA SER B 350 4.77 18.03 14.60
C SER B 350 5.85 18.83 13.90
N LYS B 351 7.12 18.44 14.03
CA LYS B 351 8.24 19.21 13.51
C LYS B 351 8.81 18.52 12.26
N ALA B 352 8.40 17.29 11.93
CA ALA B 352 8.96 16.61 10.76
C ALA B 352 8.59 17.43 9.53
N SER B 353 9.48 17.50 8.52
CA SER B 353 9.29 18.35 7.35
C SER B 353 8.27 17.69 6.43
N ASN B 354 7.31 18.48 5.91
CA ASN B 354 6.38 17.93 4.93
C ASN B 354 7.13 17.65 3.62
N PRO B 355 7.19 16.40 3.15
CA PRO B 355 7.85 16.11 1.88
C PRO B 355 7.04 16.48 0.65
N TYR B 356 5.75 16.85 0.82
CA TYR B 356 4.88 17.15 -0.32
C TYR B 356 5.00 18.63 -0.70
N GLY B 357 5.70 19.42 0.14
CA GLY B 357 6.18 20.75 -0.20
C GLY B 357 6.48 21.59 1.02
N ASP B 358 7.13 22.76 0.78
CA ASP B 358 7.48 23.75 1.79
C ASP B 358 6.77 25.09 1.55
N GLY B 359 5.71 25.15 0.75
CA GLY B 359 4.94 26.40 0.61
C GLY B 359 5.53 27.37 -0.43
N ARG B 360 6.50 26.90 -1.25
CA ARG B 360 7.15 27.64 -2.32
C ARG B 360 6.99 26.96 -3.69
N ALA B 361 5.98 26.10 -3.87
CA ALA B 361 5.74 25.47 -5.15
C ALA B 361 5.43 26.51 -6.23
N SER B 362 4.60 27.52 -5.91
CA SER B 362 4.21 28.55 -6.87
C SER B 362 5.42 29.41 -7.30
N GLU B 363 6.32 29.71 -6.36
CA GLU B 363 7.56 30.42 -6.64
C GLU B 363 8.41 29.64 -7.65
N ARG B 364 8.56 28.33 -7.46
CA ARG B 364 9.34 27.47 -8.35
C ARG B 364 8.70 27.39 -9.73
N ILE B 365 7.35 27.38 -9.79
CA ILE B 365 6.64 27.33 -11.07
C ILE B 365 6.91 28.64 -11.84
N VAL B 366 6.68 29.78 -11.18
CA VAL B 366 6.91 31.08 -11.82
C VAL B 366 8.36 31.21 -12.29
N GLU B 367 9.33 30.90 -11.44
CA GLU B 367 10.75 30.94 -11.78
C GLU B 367 11.00 30.07 -13.01
N ALA B 368 10.48 28.85 -13.04
CA ALA B 368 10.70 27.94 -14.17
C ALA B 368 10.13 28.54 -15.45
N ILE B 369 9.00 29.26 -15.33
CA ILE B 369 8.36 29.84 -16.52
C ILE B 369 9.20 31.01 -17.05
N LEU B 370 9.64 31.90 -16.15
CA LEU B 370 10.47 33.03 -16.52
C LEU B 370 11.75 32.55 -17.19
N LYS B 371 12.39 31.50 -16.68
CA LYS B 371 13.61 30.96 -17.26
C LYS B 371 13.34 30.50 -18.68
N HIS B 372 12.32 29.64 -18.84
CA HIS B 372 12.00 29.02 -20.11
C HIS B 372 11.77 30.08 -21.21
N PHE B 373 11.13 31.20 -20.84
CA PHE B 373 10.80 32.26 -21.80
C PHE B 373 11.83 33.39 -21.86
N ASN B 374 12.99 33.21 -21.18
CA ASN B 374 14.12 34.10 -21.29
C ASN B 374 13.72 35.50 -20.82
N LYS B 375 12.93 35.56 -19.74
CA LYS B 375 12.44 36.80 -19.13
C LYS B 375 13.17 36.96 -17.78
#